data_6X67
#
_entry.id   6X67
#
_cell.length_a   1.00
_cell.length_b   1.00
_cell.length_c   1.00
_cell.angle_alpha   90.00
_cell.angle_beta   90.00
_cell.angle_gamma   90.00
#
_symmetry.space_group_name_H-M   'P 1'
#
loop_
_entity.id
_entity.type
_entity.pdbx_description
1 polymer Transposase
2 polymer 'DNA (37-MER)'
3 polymer 'DNA (47-MER)'
4 polymer 'DNA (tDNA)'
5 non-polymer 'ZINC ION'
6 non-polymer 'CALCIUM ION'
#
loop_
_entity_poly.entity_id
_entity_poly.type
_entity_poly.pdbx_seq_one_letter_code
_entity_poly.pdbx_strand_id
1 'polypeptide(L)'
;MGSSLDDEHILSALLQSDDELVGEDSDSEISDHVSEDDVQSDTEEAFIDEVHEVQPTSSGSEILDEQNVIEQPGSSLASN
KILTLPQRTIRGKNKHCWSTSKSTRRSRVSALNIVRSQRGPTRMCRNIYDPLLCFKLFFTDEIISEIVKWTNAEISLKRR
ESMTGATFRDTNEDEIYAFFGILVMTAVRKDNHMSTDDLFDRSLSMVYVSVMSRDRFDFLIRCLRMDDKSIRPTLRENDV
FTPVRKIWDLFIHQCIQNYTPGAHLTIDEQLLGFRGRCPFRMYIPNKPSKYGIKILMMCDSGTKYMINGMPYLGRGTQTN
GVPLGEYYVKELSKPVRGSCRNITCDNWFTSIPLAKNLLQEPYKLTIVGTVRSNKREIPEVLKNSRSRPVGTSMFCFDGP
LTLVSYKPKPAKMVYLLSSCDEDASINESTGKPQMVMYYNQTKGGVDTLDQMCSVMTCSRKTNRWPMALLYGMINIACIN
SFIIYSHNVSSKGEKVQSRKKFMRNLYMSLTSSFMRKRLEAPTLKRYLRDNISNILPNEVPGTSDDSTEEPVTKKRTYCT
YCPSKIRRKANASCKKCKKVICREHNIDMCQSCF
;
C,D
2 'polydeoxyribonucleotide'
;(DG)(DG)(DC)(DC)(DC)(DT)(DA)(DG)(DA)(DA)(DA)(DG)(DA)(DT)(DA)(DG)(DT)(DC)(DT)(DG)
(DC)(DG)(DT)(DA)(DA)(DA)(DA)(DT)(DT)(DG)(DA)(DC)(DG)(DC)(DA)(DT)(DG)
;
E,J
3 'polydeoxyribonucleotide'
;(DC)(DA)(DT)(DG)(DC)(DG)(DT)(DC)(DA)(DA)(DT)(DT)(DT)(DT)(DA)(DC)(DG)(DC)(DA)(DG)
(DA)(DC)(DT)(DA)(DT)(DC)(DT)(DT)(DT)(DC)(DT)(DA)(DG)(DG)(DG)(DT)(DT)(DA)(DA)(DG)
(DA)(DC)(DT)(DG)(DT)(DG)(DC)
;
F,K
4 'polydeoxyribonucleotide' (DG)(DC)(DA)(DC)(DA)(DG)(DT)(DC) G,L
#
# COMPACT_ATOMS: atom_id res chain seq x y z
N SER A 117 26.27 32.17 -8.74
CA SER A 117 26.65 31.05 -9.61
C SER A 117 25.42 30.34 -10.12
N GLN A 118 24.27 30.83 -9.63
CA GLN A 118 22.96 30.32 -9.99
C GLN A 118 22.73 28.95 -9.42
N ARG A 119 21.55 28.45 -9.68
CA ARG A 119 21.14 27.15 -9.25
C ARG A 119 20.49 26.49 -10.45
N GLY A 120 20.74 25.22 -10.61
CA GLY A 120 20.15 24.54 -11.75
C GLY A 120 21.08 23.52 -12.27
N PRO A 121 20.53 22.80 -13.25
CA PRO A 121 21.24 21.73 -13.88
C PRO A 121 22.45 22.39 -14.52
N THR A 122 23.54 21.64 -14.64
CA THR A 122 24.77 22.18 -15.24
C THR A 122 24.69 22.23 -16.73
N ARG A 123 25.69 22.86 -17.33
CA ARG A 123 25.73 23.06 -18.77
C ARG A 123 25.64 21.79 -19.58
N MET A 124 26.32 20.78 -19.09
CA MET A 124 26.41 19.49 -19.72
C MET A 124 25.06 18.84 -19.99
N CYS A 125 24.08 19.04 -19.13
CA CYS A 125 22.80 18.38 -19.28
C CYS A 125 21.68 19.40 -19.34
N ARG A 126 21.96 20.58 -19.77
CA ARG A 126 20.99 21.64 -19.77
C ARG A 126 19.90 21.56 -20.82
N ASN A 127 20.20 21.28 -22.07
CA ASN A 127 19.10 21.30 -23.03
C ASN A 127 18.45 19.96 -23.22
N ILE A 128 17.88 19.44 -22.17
CA ILE A 128 17.18 18.18 -22.23
C ILE A 128 15.75 18.41 -21.85
N TYR A 129 14.85 18.07 -22.75
CA TYR A 129 13.46 18.33 -22.49
C TYR A 129 12.59 17.09 -22.43
N ASP A 130 13.16 15.93 -22.13
CA ASP A 130 12.31 14.73 -22.07
C ASP A 130 12.74 13.85 -20.89
N PRO A 131 11.78 13.10 -20.38
CA PRO A 131 11.99 12.23 -19.27
C PRO A 131 13.01 11.04 -19.52
N LEU A 132 13.35 10.61 -20.72
CA LEU A 132 14.28 9.50 -20.71
C LEU A 132 15.70 9.98 -20.61
N LEU A 133 16.03 11.04 -21.31
CA LEU A 133 17.40 11.47 -21.21
C LEU A 133 17.66 11.96 -19.82
N CYS A 134 16.65 12.52 -19.16
CA CYS A 134 16.88 12.98 -17.82
C CYS A 134 17.11 11.85 -16.85
N PHE A 135 16.74 10.61 -17.25
CA PHE A 135 16.89 9.45 -16.41
C PHE A 135 18.27 8.84 -16.64
N LYS A 136 18.66 8.81 -17.92
CA LYS A 136 19.95 8.28 -18.33
C LYS A 136 21.10 9.09 -17.74
N LEU A 137 20.85 10.36 -17.47
CA LEU A 137 21.88 11.17 -16.82
C LEU A 137 22.33 10.59 -15.53
N PHE A 138 21.43 9.92 -14.83
CA PHE A 138 21.81 9.36 -13.53
C PHE A 138 22.24 7.92 -13.62
N PHE A 139 21.64 7.14 -14.50
CA PHE A 139 22.03 5.76 -14.62
C PHE A 139 23.22 5.53 -15.50
N THR A 140 23.32 6.19 -16.64
CA THR A 140 24.41 6.04 -17.59
C THR A 140 24.49 4.65 -18.17
N ASP A 141 25.35 4.52 -19.15
CA ASP A 141 25.52 3.27 -19.83
C ASP A 141 26.44 2.38 -19.06
N GLU A 142 27.36 2.95 -18.31
CA GLU A 142 28.26 2.10 -17.55
C GLU A 142 27.49 1.34 -16.50
N ILE A 143 26.51 1.96 -15.86
CA ILE A 143 25.78 1.18 -14.86
C ILE A 143 24.94 0.13 -15.52
N ILE A 144 24.23 0.46 -16.59
CA ILE A 144 23.42 -0.59 -17.17
C ILE A 144 24.27 -1.70 -17.70
N SER A 145 25.39 -1.38 -18.33
CA SER A 145 26.26 -2.41 -18.87
C SER A 145 26.78 -3.32 -17.77
N GLU A 146 27.16 -2.77 -16.61
CA GLU A 146 27.64 -3.62 -15.53
C GLU A 146 26.54 -4.51 -15.03
N ILE A 147 25.30 -4.01 -14.96
CA ILE A 147 24.23 -4.85 -14.49
C ILE A 147 24.04 -5.99 -15.46
N VAL A 148 24.07 -5.71 -16.75
CA VAL A 148 23.89 -6.80 -17.69
C VAL A 148 24.98 -7.85 -17.58
N LYS A 149 26.24 -7.44 -17.49
CA LYS A 149 27.28 -8.44 -17.37
C LYS A 149 27.22 -9.31 -16.18
N TRP A 150 26.95 -8.72 -15.03
CA TRP A 150 27.00 -9.57 -13.84
C TRP A 150 25.74 -10.37 -13.70
N THR A 151 24.65 -9.83 -14.21
CA THR A 151 23.42 -10.57 -14.16
C THR A 151 23.58 -11.83 -15.00
N ASN A 152 24.14 -11.71 -16.18
CA ASN A 152 24.32 -12.87 -17.00
C ASN A 152 25.22 -13.86 -16.35
N ALA A 153 26.23 -13.39 -15.66
CA ALA A 153 27.11 -14.32 -14.99
C ALA A 153 26.34 -15.16 -13.98
N GLU A 154 25.36 -14.55 -13.30
CA GLU A 154 24.55 -15.25 -12.31
C GLU A 154 23.52 -16.17 -12.94
N ILE A 155 22.93 -15.69 -14.03
CA ILE A 155 21.93 -16.48 -14.68
C ILE A 155 22.53 -17.74 -15.21
N SER A 156 23.76 -17.66 -15.66
CA SER A 156 24.45 -18.81 -16.19
C SER A 156 24.68 -19.89 -15.14
N LEU A 157 24.57 -19.57 -13.89
CA LEU A 157 24.76 -20.57 -12.85
C LEU A 157 23.42 -21.18 -12.50
N LYS A 158 22.40 -20.34 -12.46
CA LYS A 158 21.06 -20.82 -12.11
C LYS A 158 20.33 -21.29 -13.34
N ARG A 159 20.89 -22.29 -14.01
CA ARG A 159 20.25 -22.89 -15.18
C ARG A 159 20.55 -24.37 -15.30
N ARG A 160 19.93 -25.17 -14.44
CA ARG A 160 20.16 -26.64 -14.51
C ARG A 160 19.49 -27.13 -15.79
N GLU A 161 19.90 -28.30 -16.28
CA GLU A 161 19.37 -28.78 -17.56
C GLU A 161 17.96 -29.34 -17.57
N SER A 162 17.04 -28.47 -17.26
CA SER A 162 15.59 -28.70 -17.26
C SER A 162 14.99 -27.34 -17.58
N MET A 163 15.84 -26.31 -17.39
CA MET A 163 15.46 -24.93 -17.55
C MET A 163 15.66 -24.33 -18.92
N THR A 164 16.06 -25.09 -19.89
CA THR A 164 16.16 -24.48 -21.20
C THR A 164 14.81 -23.92 -21.58
N GLY A 165 14.75 -22.67 -22.00
CA GLY A 165 13.47 -22.07 -22.34
C GLY A 165 13.57 -20.56 -22.48
N ALA A 166 12.51 -19.94 -22.95
CA ALA A 166 12.45 -18.50 -23.14
C ALA A 166 12.62 -17.70 -21.87
N THR A 167 12.17 -18.23 -20.75
CA THR A 167 12.22 -17.50 -19.51
C THR A 167 13.56 -17.61 -18.83
N PHE A 168 14.43 -18.49 -19.31
CA PHE A 168 15.69 -18.68 -18.64
C PHE A 168 16.83 -18.57 -19.62
N ARG A 169 16.97 -17.42 -20.23
CA ARG A 169 18.01 -17.17 -21.20
C ARG A 169 19.05 -16.26 -20.60
N ASP A 170 19.19 -15.08 -21.15
CA ASP A 170 20.16 -14.14 -20.60
C ASP A 170 19.61 -12.73 -20.78
N THR A 171 20.39 -11.73 -20.39
CA THR A 171 19.89 -10.37 -20.49
C THR A 171 20.74 -9.51 -21.38
N ASN A 172 20.14 -8.38 -21.69
CA ASN A 172 20.79 -7.37 -22.48
C ASN A 172 20.27 -6.03 -22.04
N GLU A 173 20.80 -4.97 -22.62
CA GLU A 173 20.39 -3.65 -22.20
C GLU A 173 18.93 -3.36 -22.37
N ASP A 174 18.34 -3.85 -23.45
CA ASP A 174 16.93 -3.54 -23.70
C ASP A 174 16.07 -4.12 -22.61
N GLU A 175 16.40 -5.33 -22.17
CA GLU A 175 15.58 -5.93 -21.14
C GLU A 175 15.77 -5.25 -19.81
N ILE A 176 17.00 -4.87 -19.48
CA ILE A 176 17.18 -4.24 -18.20
C ILE A 176 16.45 -2.93 -18.18
N TYR A 177 16.48 -2.17 -19.27
CA TYR A 177 15.72 -0.93 -19.25
C TYR A 177 14.23 -1.23 -19.10
N ALA A 178 13.74 -2.26 -19.78
CA ALA A 178 12.33 -2.58 -19.66
C ALA A 178 11.96 -2.99 -18.25
N PHE A 179 12.88 -3.72 -17.60
CA PHE A 179 12.70 -4.12 -16.21
C PHE A 179 12.56 -2.89 -15.35
N PHE A 180 13.43 -1.91 -15.57
CA PHE A 180 13.35 -0.69 -14.81
C PHE A 180 12.02 0.00 -15.09
N GLY A 181 11.58 -0.03 -16.35
CA GLY A 181 10.31 0.57 -16.68
C GLY A 181 9.20 -0.01 -15.83
N ILE A 182 9.25 -1.32 -15.60
CA ILE A 182 8.25 -1.93 -14.75
C ILE A 182 8.37 -1.39 -13.35
N LEU A 183 9.58 -1.24 -12.85
CA LEU A 183 9.76 -0.68 -11.49
C LEU A 183 9.28 0.76 -11.46
N VAL A 184 9.44 1.51 -12.54
CA VAL A 184 8.95 2.89 -12.57
C VAL A 184 7.45 2.91 -12.46
N MET A 185 6.78 2.02 -13.17
CA MET A 185 5.34 1.99 -13.11
C MET A 185 4.87 1.49 -11.76
N THR A 186 5.66 0.61 -11.18
CA THR A 186 5.36 0.10 -9.88
C THR A 186 5.30 1.23 -8.91
N ALA A 187 6.25 2.18 -9.04
CA ALA A 187 6.28 3.34 -8.16
C ALA A 187 5.10 4.29 -8.42
N VAL A 188 4.63 4.40 -9.66
CA VAL A 188 3.53 5.30 -9.96
C VAL A 188 2.25 4.85 -9.34
N ARG A 189 2.00 3.55 -9.52
CA ARG A 189 0.87 2.88 -8.96
C ARG A 189 1.22 2.53 -7.53
N LYS A 190 0.31 2.00 -6.75
CA LYS A 190 0.75 1.67 -5.41
C LYS A 190 1.04 0.21 -5.29
N ASP A 191 1.07 -0.45 -6.40
CA ASP A 191 1.30 -1.90 -6.42
C ASP A 191 2.77 -2.24 -6.29
N ASN A 192 3.38 -1.96 -5.15
CA ASN A 192 4.80 -2.29 -4.96
C ASN A 192 4.99 -3.36 -3.88
N HIS A 193 3.88 -3.70 -3.18
CA HIS A 193 3.86 -4.77 -2.18
C HIS A 193 2.75 -5.70 -2.49
N MET A 194 2.46 -5.70 -3.77
CA MET A 194 1.45 -6.54 -4.31
C MET A 194 2.15 -7.68 -4.97
N SER A 195 1.59 -8.86 -4.87
CA SER A 195 2.25 -10.03 -5.47
C SER A 195 2.46 -9.87 -6.93
N THR A 196 3.59 -10.38 -7.40
CA THR A 196 3.89 -10.34 -8.81
C THR A 196 3.01 -11.29 -9.53
N ASP A 197 2.39 -12.17 -8.79
CA ASP A 197 1.56 -13.12 -9.44
C ASP A 197 0.11 -12.52 -9.59
N ASP A 198 -0.09 -11.26 -9.09
CA ASP A 198 -1.33 -10.50 -9.27
C ASP A 198 -1.11 -9.35 -10.21
N LEU A 199 0.09 -8.77 -10.19
CA LEU A 199 0.42 -7.64 -11.05
C LEU A 199 0.31 -7.98 -12.49
N PHE A 200 0.62 -9.24 -12.75
CA PHE A 200 0.63 -9.73 -14.11
C PHE A 200 -0.63 -10.54 -14.44
N ASP A 201 -1.67 -10.28 -13.64
CA ASP A 201 -2.95 -10.94 -13.81
C ASP A 201 -3.80 -10.21 -14.83
N ARG A 202 -3.88 -10.75 -16.03
CA ARG A 202 -4.68 -10.13 -17.06
C ARG A 202 -6.12 -10.02 -16.58
N SER A 203 -6.77 -8.98 -17.09
CA SER A 203 -8.15 -8.67 -16.75
C SER A 203 -8.16 -7.61 -15.66
N LEU A 204 -7.07 -7.51 -14.93
CA LEU A 204 -6.97 -6.41 -13.98
C LEU A 204 -6.21 -5.36 -14.76
N SER A 205 -5.14 -5.78 -15.44
CA SER A 205 -4.39 -4.81 -16.25
C SER A 205 -3.50 -5.43 -17.30
N MET A 206 -3.30 -4.74 -18.40
CA MET A 206 -2.38 -5.21 -19.42
C MET A 206 -1.07 -4.41 -19.34
N VAL A 207 -0.92 -3.60 -18.31
CA VAL A 207 0.26 -2.76 -18.20
C VAL A 207 1.57 -3.48 -18.02
N TYR A 208 1.61 -4.51 -17.17
CA TYR A 208 2.86 -5.19 -16.91
C TYR A 208 3.10 -6.42 -17.78
N VAL A 209 2.01 -7.11 -18.12
CA VAL A 209 2.12 -8.32 -18.94
C VAL A 209 2.54 -8.03 -20.34
N SER A 210 2.36 -6.80 -20.76
CA SER A 210 2.72 -6.42 -22.08
C SER A 210 4.20 -6.22 -22.18
N VAL A 211 4.90 -6.07 -21.07
CA VAL A 211 6.33 -5.88 -21.17
C VAL A 211 7.03 -7.20 -21.09
N MET A 212 6.67 -7.99 -20.10
CA MET A 212 7.26 -9.31 -19.98
C MET A 212 6.36 -10.20 -19.15
N SER A 213 6.58 -11.49 -19.20
CA SER A 213 5.78 -12.42 -18.42
C SER A 213 6.15 -12.33 -16.97
N ARG A 214 5.27 -12.82 -16.11
CA ARG A 214 5.52 -12.80 -14.68
C ARG A 214 6.65 -13.73 -14.32
N ASP A 215 6.88 -14.74 -15.13
CA ASP A 215 7.95 -15.70 -14.85
C ASP A 215 9.28 -15.15 -15.28
N ARG A 216 9.29 -14.39 -16.34
CA ARG A 216 10.55 -13.80 -16.70
C ARG A 216 10.92 -12.76 -15.68
N PHE A 217 9.91 -12.03 -15.24
CA PHE A 217 10.14 -11.00 -14.23
C PHE A 217 10.65 -11.65 -12.96
N ASP A 218 10.01 -12.71 -12.51
CA ASP A 218 10.46 -13.40 -11.28
C ASP A 218 11.84 -13.96 -11.47
N PHE A 219 12.17 -14.54 -12.63
CA PHE A 219 13.50 -15.10 -12.75
C PHE A 219 14.55 -14.02 -12.70
N LEU A 220 14.31 -12.94 -13.44
CA LEU A 220 15.30 -11.89 -13.48
C LEU A 220 15.46 -11.16 -12.17
N ILE A 221 14.38 -10.91 -11.45
CA ILE A 221 14.51 -10.18 -10.21
C ILE A 221 15.34 -10.97 -9.21
N ARG A 222 15.39 -12.30 -9.32
CA ARG A 222 16.17 -13.12 -8.44
C ARG A 222 17.62 -13.18 -8.84
N CYS A 223 17.92 -12.81 -10.09
CA CYS A 223 19.25 -12.91 -10.63
C CYS A 223 19.99 -11.63 -10.86
N LEU A 224 19.37 -10.47 -10.65
CA LEU A 224 20.14 -9.26 -10.90
C LEU A 224 21.30 -9.17 -9.96
N ARG A 225 22.46 -8.87 -10.49
CA ARG A 225 23.66 -8.70 -9.69
C ARG A 225 24.41 -7.49 -10.14
N MET A 226 25.08 -6.86 -9.19
CA MET A 226 25.77 -5.64 -9.46
C MET A 226 27.27 -5.75 -9.31
N ASP A 227 27.78 -6.99 -9.24
CA ASP A 227 29.19 -7.19 -8.99
C ASP A 227 29.73 -8.53 -9.56
N ASP A 228 31.04 -8.62 -9.48
CA ASP A 228 31.80 -9.78 -9.88
C ASP A 228 32.18 -10.63 -8.71
N LYS A 229 31.54 -11.77 -8.56
CA LYS A 229 31.81 -12.59 -7.40
C LYS A 229 33.23 -13.08 -7.27
N SER A 230 33.96 -13.18 -8.38
CA SER A 230 35.30 -13.75 -8.33
C SER A 230 36.32 -12.89 -7.62
N ILE A 231 35.99 -11.63 -7.38
CA ILE A 231 36.96 -10.76 -6.73
C ILE A 231 36.49 -10.38 -5.35
N ARG A 232 35.45 -11.03 -4.85
CA ARG A 232 34.97 -10.71 -3.55
C ARG A 232 36.00 -10.93 -2.47
N PRO A 233 36.77 -12.04 -2.56
CA PRO A 233 37.74 -12.38 -1.48
C PRO A 233 38.83 -11.26 -1.27
N THR A 234 39.02 -10.32 -2.19
CA THR A 234 40.02 -9.26 -1.98
C THR A 234 39.35 -7.93 -1.63
N LEU A 235 38.03 -7.91 -1.64
CA LEU A 235 37.31 -6.69 -1.38
C LEU A 235 36.50 -6.70 -0.09
N ARG A 236 35.84 -7.81 0.19
CA ARG A 236 34.93 -7.97 1.31
C ARG A 236 35.48 -7.71 2.69
N GLU A 237 36.78 -7.92 2.88
CA GLU A 237 37.35 -7.66 4.18
C GLU A 237 37.53 -6.18 4.42
N ASN A 238 37.65 -5.41 3.33
CA ASN A 238 37.86 -3.99 3.48
C ASN A 238 36.58 -3.21 3.24
N ASP A 239 35.65 -3.81 2.51
CA ASP A 239 34.42 -3.12 2.16
C ASP A 239 33.18 -3.99 2.28
N VAL A 240 32.42 -3.76 3.33
CA VAL A 240 31.23 -4.54 3.62
C VAL A 240 30.10 -4.23 2.63
N PHE A 241 30.31 -3.19 1.87
CA PHE A 241 29.34 -2.69 0.91
C PHE A 241 29.67 -3.19 -0.48
N THR A 242 30.73 -4.00 -0.60
CA THR A 242 31.21 -4.43 -1.90
C THR A 242 30.18 -4.72 -2.97
N PRO A 243 29.16 -5.54 -2.69
CA PRO A 243 28.30 -6.03 -3.78
C PRO A 243 27.49 -4.93 -4.51
N VAL A 244 27.52 -3.70 -4.00
CA VAL A 244 26.83 -2.59 -4.66
C VAL A 244 27.76 -1.41 -4.81
N ARG A 245 29.00 -1.57 -4.40
CA ARG A 245 29.88 -0.45 -4.36
C ARG A 245 30.21 0.21 -5.71
N LYS A 246 30.43 -0.53 -6.74
CA LYS A 246 30.78 0.13 -7.95
C LYS A 246 29.63 0.95 -8.49
N ILE A 247 28.46 0.37 -8.42
CA ILE A 247 27.30 1.07 -8.93
C ILE A 247 26.98 2.28 -8.09
N TRP A 248 27.06 2.16 -6.76
CA TRP A 248 26.79 3.28 -5.90
C TRP A 248 27.71 4.42 -6.23
N ASP A 249 29.01 4.16 -6.38
CA ASP A 249 29.89 5.26 -6.62
C ASP A 249 29.66 5.90 -7.97
N LEU A 250 29.33 5.12 -8.99
CA LEU A 250 29.06 5.74 -10.27
C LEU A 250 27.82 6.62 -10.20
N PHE A 251 26.84 6.15 -9.49
CA PHE A 251 25.59 6.82 -9.36
C PHE A 251 25.75 8.15 -8.65
N ILE A 252 26.44 8.17 -7.53
CA ILE A 252 26.59 9.40 -6.80
C ILE A 252 27.43 10.36 -7.63
N HIS A 253 28.46 9.88 -8.29
CA HIS A 253 29.21 10.73 -9.12
C HIS A 253 28.36 11.48 -10.13
N GLN A 254 27.45 10.78 -10.82
CA GLN A 254 26.58 11.41 -11.76
C GLN A 254 25.71 12.44 -11.08
N CYS A 255 25.19 12.12 -9.92
CA CYS A 255 24.34 13.09 -9.30
C CYS A 255 25.05 14.42 -9.13
N ILE A 256 26.29 14.38 -8.66
CA ILE A 256 27.04 15.60 -8.42
C ILE A 256 27.33 16.37 -9.68
N GLN A 257 27.69 15.67 -10.73
CA GLN A 257 28.08 16.33 -11.96
C GLN A 257 26.93 16.89 -12.76
N ASN A 258 25.70 16.55 -12.42
CA ASN A 258 24.62 17.03 -13.23
C ASN A 258 23.98 18.28 -12.68
N TYR A 259 24.45 18.80 -11.55
CA TYR A 259 23.73 19.91 -11.02
C TYR A 259 24.48 20.87 -10.11
N THR A 260 24.12 22.14 -10.20
CA THR A 260 24.71 23.15 -9.35
C THR A 260 23.68 23.54 -8.25
N PRO A 261 24.02 23.24 -6.98
CA PRO A 261 23.22 23.50 -5.79
C PRO A 261 23.12 25.01 -5.59
N GLY A 262 22.11 25.44 -4.82
CA GLY A 262 21.88 26.83 -4.52
C GLY A 262 22.50 27.20 -3.19
N ALA A 263 21.93 28.24 -2.60
CA ALA A 263 22.42 28.82 -1.37
C ALA A 263 22.27 27.97 -0.11
N HIS A 264 21.32 27.08 0.00
CA HIS A 264 21.18 26.36 1.26
C HIS A 264 21.08 24.89 1.10
N LEU A 265 21.88 24.16 1.84
CA LEU A 265 21.87 22.71 1.76
C LEU A 265 21.40 22.11 3.06
N THR A 266 20.82 20.92 3.01
CA THR A 266 20.32 20.29 4.23
C THR A 266 20.88 18.88 4.33
N ILE A 267 21.42 18.54 5.50
CA ILE A 267 21.97 17.24 5.75
C ILE A 267 21.19 16.47 6.79
N ASP A 268 20.73 15.27 6.43
CA ASP A 268 20.02 14.43 7.36
C ASP A 268 20.14 12.97 6.92
N GLU A 269 19.51 12.07 7.65
CA GLU A 269 19.58 10.66 7.33
C GLU A 269 18.31 10.11 6.70
N GLN A 270 18.50 9.06 5.91
CA GLN A 270 17.40 8.35 5.27
C GLN A 270 17.55 6.88 5.55
N LEU A 271 16.45 6.20 5.86
CA LEU A 271 16.57 4.77 6.14
C LEU A 271 15.83 3.96 5.09
N LEU A 272 16.55 3.01 4.51
CA LEU A 272 15.91 2.12 3.54
C LEU A 272 15.47 0.89 4.27
N GLY A 273 14.20 0.75 4.50
CA GLY A 273 13.72 -0.39 5.24
C GLY A 273 14.17 -1.71 4.61
N PHE A 274 14.60 -2.64 5.44
CA PHE A 274 15.03 -3.93 5.01
C PHE A 274 15.23 -4.81 6.26
N ARG A 275 14.44 -5.86 6.40
CA ARG A 275 14.55 -6.68 7.61
C ARG A 275 15.23 -7.99 7.44
N GLY A 276 15.78 -8.22 6.28
CA GLY A 276 16.48 -9.45 6.00
C GLY A 276 17.86 -9.36 6.60
N ARG A 277 18.71 -10.31 6.32
CA ARG A 277 20.02 -10.23 6.90
C ARG A 277 20.89 -9.23 6.18
N CYS A 278 21.59 -8.44 6.95
CA CYS A 278 22.49 -7.46 6.42
C CYS A 278 23.44 -7.09 7.58
N PRO A 279 24.76 -7.16 7.33
CA PRO A 279 25.81 -6.92 8.32
C PRO A 279 25.78 -5.51 8.89
N PHE A 280 25.26 -4.55 8.13
CA PHE A 280 25.27 -3.21 8.69
C PHE A 280 23.88 -2.58 8.81
N ARG A 281 22.84 -3.39 8.92
CA ARG A 281 21.56 -2.78 9.09
C ARG A 281 21.40 -2.35 10.53
N MET A 282 20.58 -1.34 10.80
CA MET A 282 20.45 -0.90 12.20
C MET A 282 19.05 -0.47 12.56
N TYR A 283 18.73 -0.60 13.81
CA TYR A 283 17.45 -0.20 14.34
C TYR A 283 17.35 1.27 14.64
N ILE A 284 16.31 1.92 14.14
CA ILE A 284 16.07 3.31 14.48
C ILE A 284 14.61 3.46 14.94
N PRO A 285 14.37 3.70 16.26
CA PRO A 285 13.06 3.76 16.92
C PRO A 285 12.02 4.74 16.46
N ASN A 286 12.48 5.84 15.90
CA ASN A 286 11.47 6.83 15.59
C ASN A 286 11.12 6.90 14.12
N LYS A 287 11.51 5.89 13.34
CA LYS A 287 11.19 5.93 11.91
C LYS A 287 10.02 4.98 11.59
N PRO A 288 9.39 5.20 10.41
CA PRO A 288 8.32 4.42 9.84
C PRO A 288 8.64 3.00 9.58
N SER A 289 9.82 2.77 9.33
CA SER A 289 10.30 1.48 9.04
C SER A 289 11.50 1.47 9.90
N LYS A 290 11.68 0.50 10.77
CA LYS A 290 12.74 0.66 11.74
C LYS A 290 14.03 -0.10 11.60
N TYR A 291 14.09 -1.14 10.78
CA TYR A 291 15.31 -1.96 10.79
C TYR A 291 16.23 -2.05 9.61
N GLY A 292 16.17 -1.08 8.71
CA GLY A 292 16.93 -1.14 7.47
C GLY A 292 18.33 -0.54 7.43
N ILE A 293 18.69 -0.14 6.22
CA ILE A 293 20.00 0.42 5.93
C ILE A 293 20.02 1.91 5.94
N LYS A 294 20.84 2.45 6.81
CA LYS A 294 20.95 3.87 6.95
C LYS A 294 21.89 4.48 5.93
N ILE A 295 21.43 5.59 5.30
CA ILE A 295 22.17 6.35 4.32
C ILE A 295 22.18 7.81 4.69
N LEU A 296 23.35 8.42 4.69
CA LEU A 296 23.42 9.79 5.00
C LEU A 296 23.43 10.58 3.71
N MET A 297 22.67 11.68 3.67
CA MET A 297 22.63 12.42 2.43
C MET A 297 22.46 13.92 2.53
N MET A 298 22.83 14.58 1.44
CA MET A 298 22.74 16.02 1.35
C MET A 298 21.87 16.41 0.18
N CYS A 299 20.93 17.33 0.44
CA CYS A 299 20.00 17.85 -0.57
C CYS A 299 19.90 19.36 -0.55
N ASP A 300 19.61 19.99 -1.70
CA ASP A 300 19.50 21.45 -1.58
C ASP A 300 18.10 21.86 -1.20
N SER A 301 18.04 22.73 -0.21
CA SER A 301 16.75 23.15 0.26
C SER A 301 16.04 23.89 -0.82
N GLY A 302 14.74 23.62 -0.95
CA GLY A 302 13.93 24.31 -1.92
C GLY A 302 13.79 23.55 -3.23
N THR A 303 14.70 22.64 -3.51
CA THR A 303 14.61 21.90 -4.73
C THR A 303 14.59 20.38 -4.52
N LYS A 304 15.24 19.96 -3.41
CA LYS A 304 15.33 18.56 -3.06
C LYS A 304 16.07 17.72 -4.05
N TYR A 305 17.13 18.23 -4.59
CA TYR A 305 17.95 17.44 -5.48
C TYR A 305 18.92 16.70 -4.61
N MET A 306 19.10 15.41 -4.79
CA MET A 306 20.11 14.76 -3.96
C MET A 306 21.45 15.00 -4.56
N ILE A 307 22.35 15.60 -3.80
CA ILE A 307 23.66 15.94 -4.26
C ILE A 307 24.64 14.89 -3.93
N ASN A 308 24.59 14.38 -2.73
CA ASN A 308 25.56 13.43 -2.30
C ASN A 308 24.99 12.48 -1.31
N GLY A 309 25.81 11.50 -0.90
CA GLY A 309 25.38 10.54 0.07
C GLY A 309 26.27 9.33 0.14
N MET A 310 26.09 8.60 1.22
CA MET A 310 26.85 7.40 1.47
C MET A 310 26.17 6.57 2.58
N PRO A 311 26.37 5.25 2.50
CA PRO A 311 25.90 4.29 3.54
C PRO A 311 26.58 4.54 4.85
N TYR A 312 25.92 4.10 5.87
CA TYR A 312 26.48 4.26 7.17
C TYR A 312 27.53 3.17 7.45
N LEU A 313 27.22 1.95 7.05
CA LEU A 313 28.07 0.77 7.22
C LEU A 313 28.47 0.34 8.65
N GLY A 314 27.53 0.42 9.58
CA GLY A 314 27.70 -0.06 10.94
C GLY A 314 28.84 0.57 11.74
N ARG A 315 29.69 -0.34 12.23
CA ARG A 315 30.82 -0.02 13.09
C ARG A 315 32.13 0.11 12.35
N GLY A 316 32.08 0.16 11.03
CA GLY A 316 33.30 0.33 10.26
C GLY A 316 33.60 1.81 10.47
N THR A 317 32.94 2.67 9.66
CA THR A 317 33.08 4.12 9.81
C THR A 317 34.44 4.51 10.36
N GLN A 318 35.50 4.27 9.60
CA GLN A 318 36.81 4.53 10.16
C GLN A 318 37.21 5.98 10.14
N THR A 319 36.60 6.72 11.04
CA THR A 319 36.97 8.12 11.14
C THR A 319 38.21 8.11 11.97
N ASN A 320 38.94 9.19 11.99
CA ASN A 320 40.12 9.18 12.80
C ASN A 320 40.08 10.32 13.77
N GLY A 321 39.55 10.05 14.97
CA GLY A 321 39.43 11.07 16.00
C GLY A 321 38.14 11.85 15.89
N VAL A 322 37.84 12.25 14.67
CA VAL A 322 36.64 13.00 14.37
C VAL A 322 35.34 12.21 14.66
N PRO A 323 34.47 12.74 15.49
CA PRO A 323 33.22 12.09 15.89
C PRO A 323 32.33 11.98 14.63
N LEU A 324 31.33 11.12 14.58
CA LEU A 324 30.60 11.02 13.34
C LEU A 324 29.82 12.23 12.89
N GLY A 325 29.31 13.04 13.79
CA GLY A 325 28.54 14.21 13.40
C GLY A 325 29.34 15.07 12.44
N GLU A 326 30.52 15.44 12.91
CA GLU A 326 31.43 16.29 12.19
C GLU A 326 31.99 15.62 10.96
N TYR A 327 32.29 14.34 11.09
CA TYR A 327 32.86 13.63 10.01
C TYR A 327 31.94 13.63 8.80
N TYR A 328 30.67 13.30 9.02
CA TYR A 328 29.81 13.22 7.89
C TYR A 328 29.46 14.57 7.33
N VAL A 329 29.38 15.61 8.14
CA VAL A 329 29.09 16.87 7.51
C VAL A 329 30.24 17.27 6.62
N LYS A 330 31.47 17.09 7.09
CA LYS A 330 32.59 17.46 6.26
C LYS A 330 32.70 16.65 4.98
N GLU A 331 32.42 15.38 5.03
CA GLU A 331 32.51 14.52 3.83
C GLU A 331 31.37 14.80 2.85
N LEU A 332 30.16 14.92 3.35
CA LEU A 332 29.04 15.14 2.44
C LEU A 332 29.16 16.49 1.75
N SER A 333 29.74 17.45 2.45
CA SER A 333 29.90 18.79 1.96
C SER A 333 31.01 18.93 0.95
N LYS A 334 31.86 17.93 0.84
CA LYS A 334 33.03 18.03 -0.06
C LYS A 334 32.83 18.73 -1.40
N PRO A 335 31.82 18.37 -2.23
CA PRO A 335 31.59 19.07 -3.51
C PRO A 335 31.42 20.53 -3.48
N VAL A 336 30.89 21.01 -2.41
CA VAL A 336 30.62 22.41 -2.35
C VAL A 336 31.48 23.14 -1.35
N ARG A 337 32.52 22.50 -0.86
CA ARG A 337 33.30 23.11 0.20
C ARG A 337 34.07 24.34 -0.17
N GLY A 338 34.32 24.56 -1.44
CA GLY A 338 35.11 25.71 -1.84
C GLY A 338 34.34 27.02 -1.89
N SER A 339 33.04 27.02 -1.61
CA SER A 339 32.29 28.28 -1.70
C SER A 339 31.31 28.39 -0.55
N CYS A 340 30.70 29.52 -0.42
CA CYS A 340 29.80 29.72 0.70
C CYS A 340 28.37 29.40 0.40
N ARG A 341 27.91 28.42 1.14
CA ARG A 341 26.54 27.97 1.14
C ARG A 341 26.24 27.64 2.57
N ASN A 342 25.00 27.56 2.87
CA ASN A 342 24.66 27.23 4.21
C ASN A 342 24.47 25.74 4.33
N ILE A 343 24.35 25.27 5.56
CA ILE A 343 24.09 23.90 5.85
C ILE A 343 23.03 23.85 6.92
N THR A 344 21.97 23.13 6.72
CA THR A 344 21.04 22.97 7.80
C THR A 344 21.20 21.59 8.34
N CYS A 345 21.47 21.50 9.65
CA CYS A 345 21.66 20.22 10.25
C CYS A 345 20.78 19.93 11.43
N ASP A 346 20.72 18.68 11.75
CA ASP A 346 20.03 18.09 12.85
C ASP A 346 20.91 18.18 14.07
N ASN A 347 20.43 17.74 15.23
CA ASN A 347 21.24 17.88 16.43
C ASN A 347 22.23 16.74 16.57
N TRP A 348 22.17 15.82 15.64
CA TRP A 348 23.06 14.69 15.57
C TRP A 348 24.38 15.18 14.96
N PHE A 349 24.32 16.25 14.16
CA PHE A 349 25.50 16.72 13.49
C PHE A 349 25.96 18.09 13.93
N THR A 350 25.05 18.91 14.45
CA THR A 350 25.40 20.27 14.85
C THR A 350 26.19 20.37 16.14
N SER A 351 27.29 21.12 16.13
CA SER A 351 28.10 21.28 17.32
C SER A 351 28.95 22.54 17.25
N ILE A 352 29.55 22.90 18.38
CA ILE A 352 30.39 24.10 18.37
C ILE A 352 31.67 23.86 17.57
N PRO A 353 32.43 22.81 17.82
CA PRO A 353 33.65 22.61 17.04
C PRO A 353 33.39 22.47 15.56
N LEU A 354 32.21 21.99 15.16
CA LEU A 354 31.99 21.88 13.74
C LEU A 354 31.73 23.27 13.19
N ALA A 355 30.98 24.06 13.92
CA ALA A 355 30.67 25.37 13.43
C ALA A 355 31.93 26.15 13.20
N LYS A 356 32.92 25.92 14.02
CA LYS A 356 34.17 26.65 13.83
C LYS A 356 35.09 25.99 12.80
N ASN A 357 35.12 24.68 12.74
CA ASN A 357 36.01 24.02 11.78
C ASN A 357 35.62 24.24 10.34
N LEU A 358 34.34 24.45 10.11
CA LEU A 358 33.86 24.66 8.75
C LEU A 358 34.21 26.03 8.24
N LEU A 359 34.72 26.87 9.08
CA LEU A 359 35.07 28.19 8.64
C LEU A 359 36.56 28.34 8.39
N GLN A 360 37.29 27.23 8.51
CA GLN A 360 38.70 27.25 8.25
C GLN A 360 38.92 27.04 6.78
N GLU A 361 40.03 27.53 6.26
CA GLU A 361 40.28 27.53 4.82
C GLU A 361 39.71 26.38 3.92
N PRO A 362 39.96 25.08 4.20
CA PRO A 362 39.53 24.03 3.31
C PRO A 362 37.97 24.00 3.11
N TYR A 363 37.22 24.74 3.98
CA TYR A 363 35.76 24.85 3.86
C TYR A 363 35.33 26.30 3.94
N LYS A 364 34.35 26.68 3.13
CA LYS A 364 33.86 28.03 3.15
C LYS A 364 32.41 28.06 3.59
N LEU A 365 31.95 26.92 4.04
CA LEU A 365 30.57 26.67 4.43
C LEU A 365 30.21 27.11 5.81
N THR A 366 28.94 27.36 6.03
CA THR A 366 28.53 27.74 7.36
C THR A 366 27.46 26.80 7.82
N ILE A 367 27.10 26.87 9.09
CA ILE A 367 26.09 25.94 9.58
C ILE A 367 25.04 26.48 10.53
N VAL A 368 23.82 25.95 10.38
CA VAL A 368 22.68 26.28 11.24
C VAL A 368 22.00 24.98 11.67
N GLY A 369 21.64 24.86 12.96
CA GLY A 369 20.97 23.63 13.38
C GLY A 369 20.66 23.66 14.87
N THR A 370 19.90 22.69 15.34
CA THR A 370 19.61 22.65 16.75
C THR A 370 20.71 21.93 17.45
N VAL A 371 20.81 22.10 18.73
CA VAL A 371 21.83 21.40 19.48
C VAL A 371 21.22 20.73 20.67
N ARG A 372 21.91 19.75 21.20
CA ARG A 372 21.39 19.08 22.36
C ARG A 372 21.64 19.91 23.59
N SER A 373 20.69 19.87 24.50
CA SER A 373 20.73 20.65 25.72
C SER A 373 21.80 20.22 26.69
N ASN A 374 22.35 19.05 26.51
CA ASN A 374 23.35 18.56 27.41
C ASN A 374 24.76 18.84 26.96
N LYS A 375 24.94 19.61 25.89
CA LYS A 375 26.29 19.90 25.49
C LYS A 375 26.95 20.85 26.48
N ARG A 376 28.24 20.61 26.71
CA ARG A 376 29.09 21.35 27.63
C ARG A 376 29.27 22.81 27.30
N GLU A 377 29.19 23.14 26.03
CA GLU A 377 29.45 24.50 25.61
C GLU A 377 28.31 25.48 25.89
N ILE A 378 27.12 25.00 26.14
CA ILE A 378 25.99 25.93 26.37
C ILE A 378 26.11 26.54 27.80
N PRO A 379 26.12 27.86 27.89
CA PRO A 379 26.15 28.58 29.17
C PRO A 379 24.89 28.37 29.94
N GLU A 380 24.95 28.59 31.23
CA GLU A 380 23.77 28.41 32.08
C GLU A 380 22.71 29.45 31.85
N VAL A 381 23.10 30.57 31.32
CA VAL A 381 22.17 31.64 31.08
C VAL A 381 21.09 31.23 30.08
N LEU A 382 21.40 30.28 29.21
CA LEU A 382 20.43 29.86 28.23
C LEU A 382 19.68 28.62 28.63
N LYS A 383 19.91 28.16 29.86
CA LYS A 383 19.20 26.97 30.35
C LYS A 383 17.86 27.37 30.95
N ASN A 384 16.96 26.43 31.03
CA ASN A 384 15.61 26.71 31.47
C ASN A 384 15.38 26.73 32.98
N SER A 385 15.35 27.92 33.55
CA SER A 385 15.05 28.16 34.94
C SER A 385 13.54 28.26 35.01
N ARG A 386 12.92 28.39 36.16
CA ARG A 386 11.46 28.51 36.14
C ARG A 386 11.01 29.94 36.38
N SER A 387 11.97 30.85 36.36
CA SER A 387 11.70 32.27 36.53
C SER A 387 11.59 32.96 35.17
N ARG A 388 11.89 32.22 34.12
CA ARG A 388 11.91 32.75 32.76
C ARG A 388 10.54 32.51 32.09
N PRO A 389 9.93 33.61 31.66
CA PRO A 389 8.61 33.58 31.06
C PRO A 389 8.56 32.76 29.73
N VAL A 390 7.39 32.15 29.46
CA VAL A 390 7.19 31.37 28.27
C VAL A 390 7.07 32.28 27.06
N GLY A 391 7.77 31.93 25.99
CA GLY A 391 7.74 32.72 24.79
C GLY A 391 8.97 33.61 24.67
N THR A 392 9.78 33.70 25.72
CA THR A 392 10.97 34.52 25.62
C THR A 392 12.10 33.78 24.98
N SER A 393 13.13 34.55 24.58
CA SER A 393 14.32 34.02 23.94
C SER A 393 15.52 34.84 24.35
N MET A 394 16.71 34.22 24.24
CA MET A 394 17.94 34.89 24.59
C MET A 394 19.05 34.53 23.66
N PHE A 395 19.94 35.47 23.43
CA PHE A 395 21.07 35.22 22.58
C PHE A 395 22.34 35.48 23.34
N CYS A 396 23.39 34.80 22.98
CA CYS A 396 24.70 35.03 23.54
C CYS A 396 25.72 34.64 22.50
N PHE A 397 26.96 35.04 22.71
CA PHE A 397 27.93 34.73 21.69
C PHE A 397 29.11 33.96 22.22
N ASP A 398 29.61 33.07 21.38
CA ASP A 398 30.79 32.23 21.66
C ASP A 398 31.99 32.67 20.81
N GLY A 399 31.91 33.90 20.32
CA GLY A 399 32.89 34.53 19.46
C GLY A 399 32.12 34.86 18.19
N PRO A 400 32.50 34.23 17.04
CA PRO A 400 31.82 34.37 15.74
C PRO A 400 30.47 33.79 15.70
N LEU A 401 30.28 32.85 16.55
CA LEU A 401 29.05 32.12 16.56
C LEU A 401 27.97 32.67 17.44
N THR A 402 26.72 32.50 17.05
CA THR A 402 25.63 32.97 17.90
C THR A 402 24.84 31.79 18.40
N LEU A 403 24.65 31.73 19.69
CA LEU A 403 23.88 30.65 20.27
C LEU A 403 22.60 31.25 20.84
N VAL A 404 21.48 30.64 20.48
CA VAL A 404 20.21 31.16 20.92
C VAL A 404 19.32 30.09 21.51
N SER A 405 18.55 30.44 22.51
CA SER A 405 17.62 29.46 23.03
C SER A 405 16.34 30.15 23.33
N TYR A 406 15.27 29.42 23.30
CA TYR A 406 14.00 30.02 23.63
C TYR A 406 13.06 28.98 24.19
N LYS A 407 12.10 29.39 24.97
CA LYS A 407 11.22 28.38 25.53
C LYS A 407 9.76 28.55 25.11
N PRO A 408 9.40 27.77 24.10
CA PRO A 408 8.04 27.78 23.61
C PRO A 408 7.02 27.23 24.59
N LYS A 409 7.45 26.37 25.51
CA LYS A 409 6.52 25.77 26.48
C LYS A 409 7.04 25.97 27.89
N PRO A 410 6.13 25.91 28.89
CA PRO A 410 6.56 26.17 30.26
C PRO A 410 7.66 25.23 30.75
N ALA A 411 7.81 24.03 30.19
CA ALA A 411 8.87 23.10 30.63
C ALA A 411 9.78 22.70 29.47
N LYS A 412 9.78 23.44 28.37
CA LYS A 412 10.65 23.04 27.27
C LYS A 412 11.41 24.18 26.66
N MET A 413 12.67 23.90 26.39
CA MET A 413 13.62 24.81 25.85
C MET A 413 14.30 24.26 24.59
N VAL A 414 14.45 25.10 23.58
CA VAL A 414 15.12 24.65 22.37
C VAL A 414 16.34 25.48 22.10
N TYR A 415 17.44 24.80 21.78
CA TYR A 415 18.67 25.49 21.47
C TYR A 415 19.01 25.45 20.04
N LEU A 416 19.50 26.57 19.52
CA LEU A 416 19.95 26.62 18.13
C LEU A 416 21.28 27.29 17.99
N LEU A 417 22.08 26.77 17.09
CA LEU A 417 23.38 27.32 16.82
C LEU A 417 23.39 27.86 15.42
N SER A 418 23.89 29.08 15.26
CA SER A 418 24.01 29.69 13.94
C SER A 418 25.34 30.39 13.79
N SER A 419 26.16 29.97 12.82
CA SER A 419 27.48 30.57 12.68
C SER A 419 27.55 31.81 11.83
N CYS A 420 27.72 31.68 10.52
CA CYS A 420 27.83 32.89 9.70
C CYS A 420 26.53 33.62 9.57
N ASP A 421 25.42 32.94 9.87
CA ASP A 421 24.18 33.69 9.87
C ASP A 421 24.17 34.39 11.21
N GLU A 422 24.88 35.49 11.21
CA GLU A 422 25.17 36.32 12.36
C GLU A 422 24.14 37.37 12.71
N ASP A 423 24.43 38.10 13.79
CA ASP A 423 23.59 39.16 14.36
C ASP A 423 22.40 38.51 15.04
N ALA A 424 21.54 39.28 15.65
CA ALA A 424 20.42 38.67 16.33
C ALA A 424 19.20 39.53 16.31
N SER A 425 18.07 38.90 16.04
CA SER A 425 16.80 39.60 16.06
C SER A 425 15.67 38.65 16.32
N ILE A 426 14.54 39.22 16.69
CA ILE A 426 13.30 38.50 16.92
C ILE A 426 12.27 39.00 15.97
N ASN A 427 11.60 38.08 15.32
CA ASN A 427 10.57 38.42 14.38
C ASN A 427 9.28 38.69 15.12
N GLU A 428 8.92 39.95 15.21
CA GLU A 428 7.74 40.37 15.95
C GLU A 428 6.41 39.82 15.47
N SER A 429 6.35 39.28 14.26
CA SER A 429 5.10 38.74 13.80
C SER A 429 4.78 37.40 14.45
N THR A 430 5.79 36.72 14.96
CA THR A 430 5.54 35.41 15.60
C THR A 430 6.09 35.36 17.01
N GLY A 431 7.11 36.19 17.28
CA GLY A 431 7.79 36.23 18.57
C GLY A 431 8.99 35.30 18.57
N LYS A 432 9.16 34.54 17.50
CA LYS A 432 10.25 33.61 17.41
C LYS A 432 11.52 34.32 16.97
N PRO A 433 12.69 33.86 17.42
CA PRO A 433 13.94 34.38 17.01
C PRO A 433 14.03 34.15 15.53
N GLN A 434 14.63 35.06 14.81
CA GLN A 434 14.67 34.87 13.36
C GLN A 434 15.42 33.61 12.98
N MET A 435 16.40 33.23 13.77
CA MET A 435 17.18 32.04 13.50
C MET A 435 16.35 30.77 13.49
N VAL A 436 15.32 30.70 14.35
CA VAL A 436 14.55 29.46 14.31
C VAL A 436 13.67 29.50 13.12
N MET A 437 13.19 30.67 12.77
CA MET A 437 12.32 30.71 11.62
C MET A 437 13.10 30.26 10.40
N TYR A 438 14.34 30.71 10.31
CA TYR A 438 15.13 30.29 9.21
C TYR A 438 15.30 28.79 9.18
N TYR A 439 15.58 28.25 10.34
CA TYR A 439 15.74 26.81 10.46
C TYR A 439 14.49 26.08 10.00
N ASN A 440 13.33 26.55 10.43
CA ASN A 440 12.12 25.86 10.07
C ASN A 440 11.91 25.84 8.58
N GLN A 441 12.43 26.80 7.87
CA GLN A 441 12.25 26.86 6.44
C GLN A 441 13.22 25.95 5.69
N THR A 442 14.39 25.61 6.26
CA THR A 442 15.36 24.81 5.51
C THR A 442 15.53 23.37 5.97
N LYS A 443 15.06 23.07 7.18
CA LYS A 443 15.24 21.77 7.80
C LYS A 443 14.60 20.63 7.06
N GLY A 444 13.63 20.92 6.21
CA GLY A 444 12.89 19.89 5.48
C GLY A 444 13.52 19.45 4.17
N GLY A 445 14.70 19.96 3.85
CA GLY A 445 15.39 19.62 2.60
C GLY A 445 15.53 18.11 2.35
N VAL A 446 15.84 17.33 3.38
CA VAL A 446 16.01 15.90 3.14
C VAL A 446 14.76 15.08 3.37
N ASP A 447 13.98 15.33 4.42
CA ASP A 447 12.80 14.52 4.64
C ASP A 447 11.73 14.80 3.60
N THR A 448 11.77 15.95 2.93
CA THR A 448 10.77 16.17 1.89
C THR A 448 11.06 15.19 0.76
N LEU A 449 12.35 14.96 0.52
CA LEU A 449 12.72 14.03 -0.53
C LEU A 449 12.22 12.66 -0.16
N ASP A 450 12.38 12.30 1.11
CA ASP A 450 11.92 10.99 1.53
C ASP A 450 10.41 10.89 1.41
N GLN A 451 9.70 11.98 1.71
CA GLN A 451 8.28 11.96 1.62
C GLN A 451 7.86 11.76 0.16
N MET A 452 8.56 12.39 -0.78
CA MET A 452 8.21 12.20 -2.17
C MET A 452 8.44 10.77 -2.57
N CYS A 453 9.46 10.16 -1.99
CA CYS A 453 9.75 8.78 -2.31
C CYS A 453 8.67 7.88 -1.75
N SER A 454 8.28 8.04 -0.51
CA SER A 454 7.28 7.13 0.06
C SER A 454 5.95 7.21 -0.65
N VAL A 455 5.67 8.36 -1.23
CA VAL A 455 4.42 8.47 -1.97
C VAL A 455 4.57 7.72 -3.28
N MET A 456 5.70 7.88 -4.00
CA MET A 456 5.91 7.14 -5.25
C MET A 456 7.22 6.36 -5.21
N THR A 457 7.16 5.17 -4.60
CA THR A 457 8.38 4.41 -4.49
C THR A 457 8.27 3.01 -4.98
N CYS A 458 9.36 2.53 -5.55
CA CYS A 458 9.33 1.15 -5.92
C CYS A 458 10.34 0.39 -5.12
N SER A 459 9.84 -0.28 -4.11
CA SER A 459 10.66 -1.05 -3.22
C SER A 459 9.89 -2.28 -2.89
N ARG A 460 10.41 -3.41 -3.30
CA ARG A 460 9.75 -4.65 -3.13
C ARG A 460 10.35 -5.52 -2.09
N LYS A 461 9.56 -6.45 -1.65
CA LYS A 461 10.02 -7.41 -0.70
C LYS A 461 11.17 -8.22 -1.32
N THR A 462 12.24 -8.39 -0.54
CA THR A 462 13.33 -9.21 -1.04
C THR A 462 14.18 -9.72 0.06
N ASN A 463 14.86 -10.79 -0.17
CA ASN A 463 15.76 -11.30 0.87
C ASN A 463 17.25 -10.99 0.53
N ARG A 464 17.50 -10.13 -0.44
CA ARG A 464 18.86 -9.77 -0.78
C ARG A 464 19.11 -8.29 -0.57
N TRP A 465 19.83 -7.92 0.48
CA TRP A 465 20.01 -6.50 0.75
C TRP A 465 20.51 -5.63 -0.39
N PRO A 466 21.38 -6.05 -1.31
CA PRO A 466 21.83 -5.14 -2.34
C PRO A 466 20.62 -4.66 -3.21
N MET A 467 19.50 -5.34 -3.17
CA MET A 467 18.34 -4.89 -3.91
C MET A 467 17.74 -3.68 -3.22
N ALA A 468 17.85 -3.62 -1.90
CA ALA A 468 17.33 -2.48 -1.20
C ALA A 468 18.04 -1.26 -1.72
N LEU A 469 19.33 -1.43 -2.00
CA LEU A 469 20.10 -0.32 -2.49
C LEU A 469 19.74 -0.01 -3.92
N LEU A 470 19.47 -1.04 -4.73
CA LEU A 470 19.11 -0.72 -6.09
C LEU A 470 17.78 -0.02 -6.15
N TYR A 471 16.83 -0.44 -5.33
CA TYR A 471 15.53 0.21 -5.37
C TYR A 471 15.67 1.65 -4.92
N GLY A 472 16.51 1.89 -3.91
CA GLY A 472 16.70 3.24 -3.43
C GLY A 472 17.31 4.10 -4.54
N MET A 473 18.27 3.57 -5.30
CA MET A 473 18.87 4.35 -6.36
C MET A 473 17.88 4.67 -7.45
N ILE A 474 16.96 3.76 -7.74
CA ILE A 474 15.98 4.06 -8.76
C ILE A 474 15.07 5.18 -8.28
N ASN A 475 14.64 5.15 -7.02
CA ASN A 475 13.80 6.22 -6.54
C ASN A 475 14.49 7.57 -6.51
N ILE A 476 15.78 7.58 -6.17
CA ILE A 476 16.50 8.84 -6.16
C ILE A 476 16.65 9.35 -7.55
N ALA A 477 16.98 8.47 -8.50
CA ALA A 477 17.11 8.94 -9.85
C ALA A 477 15.81 9.49 -10.34
N CYS A 478 14.68 8.87 -10.01
CA CYS A 478 13.45 9.40 -10.53
C CYS A 478 13.20 10.82 -10.03
N ILE A 479 13.57 11.09 -8.78
CA ILE A 479 13.37 12.44 -8.26
C ILE A 479 14.35 13.40 -8.88
N ASN A 480 15.63 13.03 -8.98
CA ASN A 480 16.56 13.97 -9.53
C ASN A 480 16.31 14.25 -11.02
N SER A 481 15.84 13.22 -11.72
CA SER A 481 15.57 13.35 -13.12
C SER A 481 14.42 14.30 -13.30
N PHE A 482 13.44 14.21 -12.40
CA PHE A 482 12.30 15.08 -12.48
C PHE A 482 12.73 16.52 -12.24
N ILE A 483 13.56 16.74 -11.26
CA ILE A 483 14.03 18.08 -10.98
C ILE A 483 14.75 18.69 -12.14
N ILE A 484 15.64 17.97 -12.77
CA ILE A 484 16.32 18.55 -13.90
C ILE A 484 15.34 18.82 -15.01
N TYR A 485 14.47 17.88 -15.28
CA TYR A 485 13.48 18.01 -16.30
C TYR A 485 12.63 19.27 -16.08
N SER A 486 12.12 19.39 -14.87
CA SER A 486 11.25 20.49 -14.57
C SER A 486 11.95 21.82 -14.74
N HIS A 487 13.16 21.85 -14.29
CA HIS A 487 13.93 23.04 -14.42
C HIS A 487 14.17 23.44 -15.85
N ASN A 488 14.60 22.51 -16.66
CA ASN A 488 14.92 22.81 -18.05
C ASN A 488 13.71 23.25 -18.81
N VAL A 489 12.58 22.64 -18.53
CA VAL A 489 11.38 22.96 -19.24
C VAL A 489 10.81 24.30 -18.82
N SER A 490 10.76 24.60 -17.55
CA SER A 490 10.21 25.89 -17.13
C SER A 490 11.12 27.02 -17.55
N SER A 491 12.41 26.74 -17.71
CA SER A 491 13.36 27.73 -18.14
C SER A 491 13.08 28.06 -19.59
N LYS A 492 12.81 27.02 -20.39
CA LYS A 492 12.47 27.18 -21.79
C LYS A 492 11.20 28.01 -21.94
N GLY A 493 10.28 27.85 -20.99
CA GLY A 493 9.04 28.60 -20.99
C GLY A 493 7.79 27.76 -21.28
N GLU A 494 7.94 26.46 -21.18
CA GLU A 494 6.81 25.58 -21.39
C GLU A 494 6.25 25.14 -20.08
N LYS A 495 4.98 24.76 -20.06
CA LYS A 495 4.35 24.28 -18.87
C LYS A 495 4.97 22.94 -18.43
N VAL A 496 5.16 22.78 -17.13
CA VAL A 496 5.72 21.54 -16.61
C VAL A 496 4.65 20.67 -15.98
N GLN A 497 4.62 19.42 -16.40
CA GLN A 497 3.70 18.43 -15.89
C GLN A 497 4.20 17.86 -14.58
N SER A 498 3.29 17.34 -13.79
CA SER A 498 3.60 16.75 -12.51
C SER A 498 4.35 15.44 -12.61
N ARG A 499 4.89 15.01 -11.48
CA ARG A 499 5.68 13.79 -11.41
C ARG A 499 4.93 12.59 -11.92
N LYS A 500 3.66 12.54 -11.69
CA LYS A 500 2.89 11.43 -12.13
C LYS A 500 2.97 11.29 -13.66
N LYS A 501 2.94 12.40 -14.38
CA LYS A 501 2.99 12.32 -15.84
C LYS A 501 4.40 12.06 -16.32
N PHE A 502 5.37 12.57 -15.58
CA PHE A 502 6.75 12.35 -15.94
C PHE A 502 7.02 10.88 -15.92
N MET A 503 6.60 10.24 -14.84
CA MET A 503 6.78 8.82 -14.62
C MET A 503 6.03 7.99 -15.65
N ARG A 504 4.84 8.42 -16.07
CA ARG A 504 4.16 7.65 -17.11
C ARG A 504 4.93 7.70 -18.41
N ASN A 505 5.49 8.86 -18.73
CA ASN A 505 6.26 8.95 -19.95
C ASN A 505 7.57 8.22 -19.82
N LEU A 506 8.11 8.17 -18.62
CA LEU A 506 9.33 7.45 -18.39
C LEU A 506 9.09 5.98 -18.63
N TYR A 507 7.93 5.47 -18.19
CA TYR A 507 7.57 4.09 -18.39
C TYR A 507 7.64 3.74 -19.86
N MET A 508 7.02 4.55 -20.70
CA MET A 508 7.03 4.22 -22.14
C MET A 508 8.38 4.40 -22.77
N SER A 509 9.15 5.37 -22.36
CA SER A 509 10.42 5.52 -23.01
C SER A 509 11.35 4.36 -22.66
N LEU A 510 11.20 3.80 -21.45
CA LEU A 510 12.06 2.69 -21.02
C LEU A 510 11.59 1.34 -21.56
N THR A 511 10.29 1.12 -21.74
CA THR A 511 9.84 -0.20 -22.19
C THR A 511 9.52 -0.33 -23.67
N SER A 512 9.32 0.77 -24.39
CA SER A 512 8.89 0.67 -25.76
C SER A 512 9.84 -0.12 -26.69
N SER A 513 11.14 0.05 -26.55
CA SER A 513 12.08 -0.63 -27.43
C SER A 513 12.17 -2.11 -27.16
N PHE A 514 11.71 -2.54 -26.01
CA PHE A 514 11.74 -3.91 -25.68
C PHE A 514 10.51 -4.59 -26.23
N MET A 515 9.39 -3.97 -26.02
CA MET A 515 8.11 -4.52 -26.50
C MET A 515 8.12 -4.66 -28.00
N ARG A 516 8.81 -3.74 -28.65
CA ARG A 516 8.96 -3.74 -30.07
C ARG A 516 9.64 -4.99 -30.59
N LYS A 517 10.57 -5.52 -29.81
CA LYS A 517 11.30 -6.72 -30.24
C LYS A 517 10.61 -7.97 -29.76
N ARG A 518 9.85 -7.84 -28.70
CA ARG A 518 9.14 -8.97 -28.15
C ARG A 518 8.19 -9.49 -29.23
N LEU A 519 7.69 -8.57 -30.03
CA LEU A 519 6.75 -8.82 -31.11
C LEU A 519 7.34 -9.66 -32.23
N GLU A 520 8.65 -9.72 -32.32
CA GLU A 520 9.21 -10.48 -33.41
C GLU A 520 8.87 -11.95 -33.29
N ALA A 521 8.69 -12.48 -32.09
CA ALA A 521 8.37 -13.89 -32.02
C ALA A 521 7.03 -14.17 -32.74
N PRO A 522 7.02 -15.13 -33.65
CA PRO A 522 5.89 -15.46 -34.50
C PRO A 522 4.77 -16.08 -33.67
N THR A 523 5.15 -16.51 -32.49
CA THR A 523 4.26 -17.21 -31.57
C THR A 523 3.93 -16.43 -30.30
N LEU A 524 4.12 -15.09 -30.29
CA LEU A 524 3.84 -14.30 -29.10
C LEU A 524 2.36 -14.13 -28.85
N LYS A 525 1.71 -15.23 -28.57
CA LYS A 525 0.25 -15.25 -28.30
C LYS A 525 -0.53 -14.43 -29.30
N ARG A 526 -1.51 -13.73 -28.81
CA ARG A 526 -2.31 -12.86 -29.62
C ARG A 526 -2.66 -11.70 -28.78
N TYR A 527 -3.16 -11.94 -27.59
CA TYR A 527 -3.55 -10.81 -26.79
C TYR A 527 -2.35 -9.98 -26.39
N LEU A 528 -1.20 -10.57 -26.29
CA LEU A 528 -0.02 -9.77 -25.99
C LEU A 528 0.36 -8.97 -27.20
N ARG A 529 0.23 -9.60 -28.35
CA ARG A 529 0.56 -8.96 -29.61
C ARG A 529 -0.35 -7.79 -29.93
N ASP A 530 -1.63 -7.97 -29.63
CA ASP A 530 -2.63 -6.96 -29.88
C ASP A 530 -2.49 -5.82 -28.92
N ASN A 531 -2.11 -6.07 -27.69
CA ASN A 531 -1.99 -4.96 -26.80
C ASN A 531 -0.69 -4.22 -27.07
N ILE A 532 0.38 -4.95 -27.37
CA ILE A 532 1.60 -4.21 -27.60
C ILE A 532 1.48 -3.30 -28.80
N SER A 533 0.82 -3.79 -29.83
CA SER A 533 0.65 -3.04 -31.04
C SER A 533 -0.17 -1.78 -30.86
N ASN A 534 -0.87 -1.67 -29.75
CA ASN A 534 -1.70 -0.52 -29.51
C ASN A 534 -1.24 0.28 -28.28
N ILE A 535 -0.04 -0.06 -27.80
CA ILE A 535 0.56 0.63 -26.68
C ILE A 535 1.72 1.45 -27.26
N LEU A 536 2.48 0.82 -28.12
CA LEU A 536 3.63 1.48 -28.72
C LEU A 536 3.20 2.78 -29.42
N PRO A 537 4.13 3.80 -29.51
CA PRO A 537 3.94 5.06 -30.16
C PRO A 537 3.61 5.08 -31.55
N ASN A 538 4.12 4.09 -32.22
CA ASN A 538 4.01 4.02 -33.64
C ASN A 538 4.71 5.21 -34.23
N GLU A 539 5.88 5.51 -33.70
CA GLU A 539 6.64 6.61 -34.23
C GLU A 539 7.43 6.11 -35.41
N VAL A 540 6.72 5.85 -36.49
CA VAL A 540 7.29 5.35 -37.69
C VAL A 540 7.26 6.45 -38.77
N PRO A 541 8.44 6.82 -39.30
CA PRO A 541 8.60 7.87 -40.30
C PRO A 541 7.97 7.60 -41.61
N GLY A 542 6.65 7.67 -41.75
CA GLY A 542 6.06 7.42 -43.06
C GLY A 542 5.21 6.16 -43.12
N THR A 543 4.89 5.55 -41.98
CA THR A 543 4.03 4.36 -42.07
C THR A 543 2.64 4.70 -42.59
N SER A 544 2.12 3.86 -43.47
CA SER A 544 0.80 4.00 -44.00
C SER A 544 0.27 2.65 -44.44
N ASP A 545 -1.03 2.55 -44.65
CA ASP A 545 -1.66 1.32 -45.08
C ASP A 545 -1.62 1.28 -46.60
N ASP A 546 -1.71 0.10 -47.21
CA ASP A 546 -1.72 -0.02 -48.66
C ASP A 546 -3.17 -0.02 -49.14
N SER A 547 -4.05 -0.58 -48.30
CA SER A 547 -5.46 -0.77 -48.63
C SER A 547 -6.41 -0.63 -47.42
N THR A 548 -6.15 0.30 -46.50
CA THR A 548 -6.93 0.57 -45.23
C THR A 548 -6.70 -0.50 -44.14
N GLU A 549 -6.06 -1.62 -44.50
CA GLU A 549 -5.79 -2.71 -43.58
C GLU A 549 -4.52 -2.39 -42.76
N GLU A 550 -4.45 -2.96 -41.56
CA GLU A 550 -3.29 -2.80 -40.70
C GLU A 550 -2.11 -3.54 -41.35
N PRO A 551 -0.92 -3.11 -41.10
CA PRO A 551 0.25 -3.80 -41.69
C PRO A 551 0.41 -5.29 -41.33
N VAL A 552 -0.23 -5.80 -40.29
CA VAL A 552 -0.13 -7.25 -40.00
C VAL A 552 -1.34 -7.96 -40.61
N THR A 553 -2.55 -7.55 -40.19
CA THR A 553 -3.85 -8.16 -40.65
C THR A 553 -3.76 -9.67 -40.90
N LYS A 554 -3.54 -10.43 -39.84
CA LYS A 554 -3.51 -11.88 -39.97
C LYS A 554 -4.67 -12.48 -39.24
N LYS A 555 -5.13 -13.62 -39.72
CA LYS A 555 -6.21 -14.30 -39.08
C LYS A 555 -5.67 -15.27 -38.07
N ARG A 556 -6.46 -15.55 -37.04
CA ARG A 556 -6.04 -16.54 -36.11
C ARG A 556 -6.07 -17.88 -36.80
N THR A 557 -5.19 -18.71 -36.37
CA THR A 557 -5.04 -20.02 -36.92
C THR A 557 -6.09 -21.01 -36.43
N TYR A 558 -6.37 -20.93 -35.15
CA TYR A 558 -7.26 -21.92 -34.60
C TYR A 558 -8.65 -21.47 -34.25
N CYS A 559 -9.53 -22.46 -34.25
CA CYS A 559 -10.97 -22.36 -33.97
C CYS A 559 -11.27 -21.81 -32.59
N THR A 560 -12.13 -20.80 -32.56
CA THR A 560 -12.54 -20.08 -31.36
C THR A 560 -13.19 -20.92 -30.31
N TYR A 561 -14.02 -21.85 -30.72
CA TYR A 561 -14.76 -22.63 -29.76
C TYR A 561 -14.17 -24.01 -29.55
N CYS A 562 -13.01 -24.26 -30.11
CA CYS A 562 -12.38 -25.59 -29.94
C CYS A 562 -11.26 -25.52 -28.90
N PRO A 563 -10.91 -26.60 -28.20
CA PRO A 563 -9.81 -26.61 -27.28
C PRO A 563 -8.56 -26.29 -28.03
N SER A 564 -7.74 -25.48 -27.42
CA SER A 564 -6.50 -25.08 -28.06
C SER A 564 -5.52 -26.22 -28.21
N LYS A 565 -5.65 -27.17 -27.31
CA LYS A 565 -4.77 -28.32 -27.28
C LYS A 565 -4.92 -29.23 -28.49
N ILE A 566 -5.99 -29.10 -29.26
CA ILE A 566 -6.12 -30.00 -30.39
C ILE A 566 -5.62 -29.36 -31.68
N ARG A 567 -5.28 -28.07 -31.64
CA ARG A 567 -4.72 -27.39 -32.80
C ARG A 567 -5.52 -27.58 -34.08
N ARG A 568 -6.83 -27.39 -33.99
CA ARG A 568 -7.69 -27.52 -35.15
C ARG A 568 -7.84 -26.18 -35.82
N LYS A 569 -7.41 -26.11 -37.08
CA LYS A 569 -7.38 -24.88 -37.85
C LYS A 569 -8.74 -24.38 -38.28
N ALA A 570 -8.92 -23.07 -38.20
CA ALA A 570 -10.15 -22.40 -38.62
C ALA A 570 -10.05 -21.87 -40.04
N ASN A 571 -10.91 -22.35 -40.93
CA ASN A 571 -10.88 -21.89 -42.31
C ASN A 571 -11.97 -20.87 -42.64
N ALA A 572 -12.73 -20.46 -41.63
CA ALA A 572 -13.85 -19.56 -41.88
C ALA A 572 -14.08 -18.68 -40.69
N SER A 573 -14.86 -17.61 -40.86
CA SER A 573 -15.17 -16.76 -39.73
C SER A 573 -16.65 -16.40 -39.68
N CYS A 574 -17.11 -16.03 -38.49
CA CYS A 574 -18.50 -15.64 -38.24
C CYS A 574 -18.76 -14.22 -38.66
N LYS A 575 -19.68 -14.07 -39.61
CA LYS A 575 -20.01 -12.77 -40.19
C LYS A 575 -20.57 -11.82 -39.17
N LYS A 576 -21.28 -12.37 -38.21
CA LYS A 576 -21.94 -11.60 -37.19
C LYS A 576 -21.08 -11.29 -35.98
N CYS A 577 -19.86 -11.77 -35.90
CA CYS A 577 -19.04 -11.41 -34.74
C CYS A 577 -17.56 -11.45 -35.07
N LYS A 578 -17.26 -11.76 -36.33
CA LYS A 578 -15.92 -11.81 -36.91
C LYS A 578 -14.95 -12.69 -36.15
N LYS A 579 -15.39 -13.91 -35.84
CA LYS A 579 -14.55 -14.84 -35.12
C LYS A 579 -14.18 -16.02 -35.96
N VAL A 580 -12.99 -16.58 -35.74
CA VAL A 580 -12.56 -17.72 -36.55
C VAL A 580 -13.12 -19.02 -36.02
N ILE A 581 -13.62 -19.80 -36.99
CA ILE A 581 -14.29 -21.06 -36.72
C ILE A 581 -13.87 -22.26 -37.58
N CYS A 582 -14.21 -23.43 -37.04
CA CYS A 582 -14.00 -24.71 -37.69
C CYS A 582 -15.34 -25.19 -38.20
N ARG A 583 -15.35 -25.92 -39.33
CA ARG A 583 -16.60 -26.38 -39.92
C ARG A 583 -17.42 -27.21 -38.95
N GLU A 584 -16.79 -28.02 -38.11
CA GLU A 584 -17.56 -28.82 -37.19
C GLU A 584 -18.50 -27.98 -36.37
N HIS A 585 -18.08 -26.78 -36.02
CA HIS A 585 -19.00 -25.98 -35.22
C HIS A 585 -19.88 -25.11 -36.09
N ASN A 586 -19.25 -24.35 -37.00
CA ASN A 586 -19.95 -23.40 -37.86
C ASN A 586 -19.22 -23.14 -39.16
N ILE A 587 -19.86 -22.48 -40.12
CA ILE A 587 -19.14 -22.08 -41.37
C ILE A 587 -19.29 -20.59 -41.64
N ASP A 588 -20.52 -20.10 -41.82
CA ASP A 588 -20.78 -18.69 -42.14
C ASP A 588 -20.96 -17.79 -40.91
N MET A 589 -21.73 -18.31 -39.98
CA MET A 589 -22.02 -17.64 -38.77
C MET A 589 -21.89 -18.63 -37.64
N CYS A 590 -21.51 -18.13 -36.45
CA CYS A 590 -21.34 -18.97 -35.32
C CYS A 590 -22.63 -19.24 -34.58
N GLN A 591 -22.66 -20.32 -33.77
CA GLN A 591 -23.82 -20.66 -32.98
C GLN A 591 -24.10 -19.67 -31.88
N SER A 592 -23.10 -18.86 -31.55
CA SER A 592 -23.28 -17.84 -30.52
C SER A 592 -23.84 -16.57 -31.15
N CYS A 593 -23.94 -16.59 -32.48
CA CYS A 593 -24.49 -15.47 -33.27
C CYS A 593 -25.81 -15.91 -33.89
N PHE A 594 -26.84 -15.06 -33.77
CA PHE A 594 -28.14 -15.42 -34.34
C PHE A 594 -29.15 -14.32 -34.11
N SER B 117 -19.71 -25.41 24.30
CA SER B 117 -20.59 -24.91 23.24
C SER B 117 -19.83 -24.72 21.95
N GLN B 118 -18.52 -24.83 22.12
CA GLN B 118 -17.54 -24.74 21.04
C GLN B 118 -17.46 -23.35 20.45
N ARG B 119 -16.58 -23.21 19.47
CA ARG B 119 -16.33 -21.95 18.83
C ARG B 119 -16.78 -22.03 17.37
N GLY B 120 -17.28 -20.92 16.84
CA GLY B 120 -17.73 -20.94 15.45
C GLY B 120 -19.08 -20.24 15.21
N PRO B 121 -19.45 -20.14 13.97
CA PRO B 121 -20.63 -19.45 13.55
C PRO B 121 -21.81 -20.10 14.24
N THR B 122 -22.78 -19.25 14.52
CA THR B 122 -23.97 -19.67 15.24
C THR B 122 -24.97 -20.37 14.34
N ARG B 123 -26.04 -20.83 14.94
CA ARG B 123 -27.03 -21.55 14.21
C ARG B 123 -27.57 -20.85 12.98
N MET B 124 -27.76 -19.55 13.08
CA MET B 124 -28.30 -18.77 12.00
C MET B 124 -27.38 -18.53 10.80
N CYS B 125 -26.07 -18.61 10.97
CA CYS B 125 -25.16 -18.36 9.88
C CYS B 125 -24.25 -19.55 9.65
N ARG B 126 -24.75 -20.70 10.03
CA ARG B 126 -24.05 -21.97 10.02
C ARG B 126 -23.75 -22.61 8.66
N ASN B 127 -24.58 -22.40 7.66
CA ASN B 127 -24.39 -23.08 6.38
C ASN B 127 -24.31 -22.15 5.19
N ILE B 128 -23.54 -21.10 5.34
CA ILE B 128 -23.37 -20.18 4.26
C ILE B 128 -22.02 -20.43 3.62
N TYR B 129 -22.04 -20.77 2.34
CA TYR B 129 -20.81 -21.06 1.63
C TYR B 129 -20.54 -20.01 0.57
N ASP B 130 -21.49 -19.05 0.49
CA ASP B 130 -21.41 -18.00 -0.50
C ASP B 130 -20.85 -16.73 0.18
N PRO B 131 -19.71 -16.20 -0.29
CA PRO B 131 -19.09 -15.00 0.28
C PRO B 131 -19.92 -13.78 0.35
N LEU B 132 -20.84 -13.64 -0.56
CA LEU B 132 -21.64 -12.44 -0.48
C LEU B 132 -22.55 -12.42 0.72
N LEU B 133 -23.08 -13.57 1.00
CA LEU B 133 -23.96 -13.68 2.12
C LEU B 133 -23.20 -13.51 3.41
N CYS B 134 -21.97 -13.99 3.43
CA CYS B 134 -21.17 -13.84 4.63
C CYS B 134 -20.96 -12.35 4.91
N PHE B 135 -20.84 -11.55 3.84
CA PHE B 135 -20.70 -10.10 3.93
C PHE B 135 -21.99 -9.46 4.42
N LYS B 136 -23.12 -9.86 3.84
CA LYS B 136 -24.41 -9.28 4.20
C LYS B 136 -24.81 -9.50 5.65
N LEU B 137 -24.27 -10.54 6.26
CA LEU B 137 -24.57 -10.77 7.66
C LEU B 137 -24.14 -9.60 8.52
N PHE B 138 -23.13 -8.86 8.12
CA PHE B 138 -22.66 -7.75 8.96
C PHE B 138 -23.13 -6.38 8.52
N PHE B 139 -24.06 -6.37 7.56
CA PHE B 139 -24.64 -5.11 7.08
C PHE B 139 -26.15 -5.17 7.17
N THR B 140 -26.68 -6.26 6.60
CA THR B 140 -28.13 -6.48 6.61
C THR B 140 -28.80 -5.31 5.92
N ASP B 141 -30.12 -5.41 5.84
CA ASP B 141 -30.89 -4.41 5.19
C ASP B 141 -30.95 -3.16 6.03
N GLU B 142 -30.88 -3.26 7.34
CA GLU B 142 -30.99 -2.05 8.09
C GLU B 142 -29.84 -1.11 7.82
N ILE B 143 -28.62 -1.62 7.67
CA ILE B 143 -27.59 -0.61 7.41
C ILE B 143 -27.68 -0.11 6.03
N ILE B 144 -27.93 -0.96 5.04
CA ILE B 144 -27.93 -0.42 3.71
C ILE B 144 -29.10 0.53 3.51
N SER B 145 -30.26 0.22 4.07
CA SER B 145 -31.41 1.07 3.88
C SER B 145 -31.18 2.42 4.51
N GLU B 146 -30.61 2.46 5.70
CA GLU B 146 -30.36 3.76 6.32
C GLU B 146 -29.36 4.56 5.52
N ILE B 147 -28.30 3.92 5.02
CA ILE B 147 -27.34 4.69 4.27
C ILE B 147 -27.92 5.25 3.02
N VAL B 148 -28.67 4.45 2.28
CA VAL B 148 -29.16 4.95 1.04
C VAL B 148 -30.21 6.03 1.21
N LYS B 149 -31.10 5.94 2.18
CA LYS B 149 -32.07 7.01 2.21
C LYS B 149 -31.49 8.29 2.77
N TRP B 150 -30.52 8.22 3.69
CA TRP B 150 -30.02 9.48 4.16
C TRP B 150 -29.11 10.10 3.13
N THR B 151 -28.49 9.26 2.31
CA THR B 151 -27.65 9.77 1.27
C THR B 151 -28.53 10.55 0.29
N ASN B 152 -29.70 10.02 -0.05
CA ASN B 152 -30.54 10.75 -0.97
C ASN B 152 -30.94 12.07 -0.39
N ALA B 153 -31.15 12.10 0.91
CA ALA B 153 -31.51 13.35 1.52
C ALA B 153 -30.38 14.37 1.34
N GLU B 154 -29.14 13.91 1.40
CA GLU B 154 -27.99 14.79 1.21
C GLU B 154 -27.81 15.18 -0.24
N ILE B 155 -28.07 14.25 -1.15
CA ILE B 155 -27.88 14.58 -2.55
C ILE B 155 -28.77 15.74 -2.98
N SER B 156 -29.99 15.73 -2.51
CA SER B 156 -30.90 16.79 -2.92
C SER B 156 -30.44 18.16 -2.46
N LEU B 157 -29.52 18.25 -1.51
CA LEU B 157 -29.04 19.52 -1.04
C LEU B 157 -27.75 19.92 -1.74
N LYS B 158 -27.25 19.06 -2.61
CA LYS B 158 -26.01 19.32 -3.30
C LYS B 158 -26.31 19.62 -4.76
N ARG B 159 -27.57 19.65 -5.09
CA ARG B 159 -27.98 19.94 -6.43
C ARG B 159 -28.13 21.40 -6.66
N ARG B 160 -28.09 21.75 -7.90
CA ARG B 160 -28.31 23.08 -8.37
C ARG B 160 -29.11 22.85 -9.63
N GLU B 161 -29.94 23.75 -10.06
CA GLU B 161 -30.74 23.50 -11.25
C GLU B 161 -29.86 23.17 -12.46
N SER B 162 -28.69 23.80 -12.51
CA SER B 162 -27.71 23.63 -13.56
C SER B 162 -27.07 22.24 -13.59
N MET B 163 -27.27 21.49 -12.50
CA MET B 163 -26.69 20.16 -12.38
C MET B 163 -27.62 19.06 -12.83
N THR B 164 -28.79 19.38 -13.34
CA THR B 164 -29.63 18.27 -13.75
C THR B 164 -28.89 17.46 -14.78
N GLY B 165 -28.85 16.15 -14.57
CA GLY B 165 -28.16 15.27 -15.47
C GLY B 165 -28.09 13.87 -14.87
N ALA B 166 -27.48 12.94 -15.60
CA ALA B 166 -27.37 11.57 -15.14
C ALA B 166 -26.44 11.38 -13.94
N THR B 167 -25.41 12.20 -13.80
CA THR B 167 -24.51 11.97 -12.68
C THR B 167 -25.16 12.25 -11.37
N PHE B 168 -25.86 13.36 -11.28
CA PHE B 168 -26.44 13.77 -10.03
C PHE B 168 -27.81 13.21 -9.73
N ARG B 169 -27.85 11.88 -9.58
CA ARG B 169 -29.08 11.18 -9.34
C ARG B 169 -29.11 10.51 -8.00
N ASP B 170 -30.34 10.21 -7.62
CA ASP B 170 -30.62 9.54 -6.39
C ASP B 170 -30.09 8.14 -6.43
N THR B 171 -29.73 7.65 -5.27
CA THR B 171 -29.17 6.34 -5.13
C THR B 171 -30.24 5.31 -4.79
N ASN B 172 -29.86 4.06 -4.91
CA ASN B 172 -30.72 2.96 -4.55
C ASN B 172 -29.79 1.86 -4.05
N GLU B 173 -30.35 0.76 -3.61
CA GLU B 173 -29.55 -0.28 -3.04
C GLU B 173 -28.56 -0.89 -3.98
N ASP B 174 -28.93 -1.08 -5.23
CA ASP B 174 -27.98 -1.73 -6.10
C ASP B 174 -26.75 -0.89 -6.27
N GLU B 175 -26.91 0.42 -6.37
CA GLU B 175 -25.73 1.24 -6.53
C GLU B 175 -24.91 1.24 -5.29
N ILE B 176 -25.55 1.26 -4.13
CA ILE B 176 -24.78 1.28 -2.91
C ILE B 176 -24.01 -0.01 -2.78
N TYR B 177 -24.58 -1.15 -3.13
CA TYR B 177 -23.78 -2.34 -3.03
C TYR B 177 -22.61 -2.28 -4.01
N ALA B 178 -22.85 -1.77 -5.23
CA ALA B 178 -21.79 -1.70 -6.22
C ALA B 178 -20.68 -0.78 -5.73
N PHE B 179 -21.07 0.26 -5.08
CA PHE B 179 -20.19 1.18 -4.52
C PHE B 179 -19.29 0.51 -3.46
N PHE B 180 -19.90 -0.34 -2.63
CA PHE B 180 -19.08 -1.03 -1.65
C PHE B 180 -18.18 -1.98 -2.41
N GLY B 181 -18.67 -2.57 -3.50
CA GLY B 181 -17.85 -3.45 -4.31
C GLY B 181 -16.58 -2.76 -4.77
N ILE B 182 -16.69 -1.50 -5.17
CA ILE B 182 -15.50 -0.77 -5.58
C ILE B 182 -14.56 -0.64 -4.42
N LEU B 183 -15.09 -0.33 -3.25
CA LEU B 183 -14.25 -0.20 -2.08
C LEU B 183 -13.61 -1.56 -1.71
N VAL B 184 -14.30 -2.67 -1.95
CA VAL B 184 -13.70 -3.98 -1.69
C VAL B 184 -12.52 -4.21 -2.61
N MET B 185 -12.67 -3.90 -3.90
CA MET B 185 -11.59 -4.05 -4.85
C MET B 185 -10.47 -3.09 -4.56
N THR B 186 -10.82 -1.93 -4.07
CA THR B 186 -9.85 -0.94 -3.69
C THR B 186 -8.91 -1.56 -2.70
N ALA B 187 -9.47 -2.25 -1.71
CA ALA B 187 -8.60 -2.89 -0.73
C ALA B 187 -7.72 -3.96 -1.34
N VAL B 188 -8.24 -4.72 -2.28
CA VAL B 188 -7.44 -5.80 -2.87
C VAL B 188 -6.25 -5.28 -3.62
N ARG B 189 -6.47 -4.20 -4.35
CA ARG B 189 -5.46 -3.57 -5.16
C ARG B 189 -4.64 -2.51 -4.43
N LYS B 190 -4.94 -2.32 -3.15
CA LYS B 190 -4.25 -1.30 -2.38
C LYS B 190 -4.41 0.09 -2.97
N ASP B 191 -5.56 0.38 -3.57
CA ASP B 191 -5.77 1.68 -4.14
C ASP B 191 -6.42 2.62 -3.13
N ASN B 192 -5.71 2.87 -2.05
CA ASN B 192 -6.26 3.67 -0.99
C ASN B 192 -5.90 5.11 -1.09
N HIS B 193 -5.13 5.41 -2.08
CA HIS B 193 -4.70 6.71 -2.42
C HIS B 193 -5.04 6.79 -3.86
N MET B 194 -4.04 6.83 -4.71
CA MET B 194 -4.42 6.78 -6.13
C MET B 194 -5.63 7.62 -6.48
N SER B 195 -5.40 8.80 -6.93
CA SER B 195 -6.52 9.65 -7.26
C SER B 195 -7.52 8.91 -8.12
N THR B 196 -8.76 9.11 -7.80
CA THR B 196 -9.82 8.47 -8.51
C THR B 196 -9.84 8.92 -9.94
N ASP B 197 -9.17 10.01 -10.21
CA ASP B 197 -9.15 10.46 -11.53
C ASP B 197 -8.06 9.69 -12.35
N ASP B 198 -7.29 8.81 -11.65
CA ASP B 198 -6.31 7.92 -12.23
C ASP B 198 -6.83 6.48 -12.22
N LEU B 199 -7.58 6.14 -11.19
CA LEU B 199 -8.08 4.77 -11.03
C LEU B 199 -9.09 4.41 -12.06
N PHE B 200 -9.81 5.40 -12.49
CA PHE B 200 -10.83 5.22 -13.47
C PHE B 200 -10.29 5.58 -14.85
N ASP B 201 -8.96 5.56 -15.01
CA ASP B 201 -8.27 5.83 -16.26
C ASP B 201 -8.17 4.59 -17.11
N ARG B 202 -9.03 4.49 -18.13
CA ARG B 202 -8.99 3.36 -19.01
C ARG B 202 -7.61 3.25 -19.57
N SER B 203 -7.15 1.99 -19.74
CA SER B 203 -5.83 1.68 -20.27
C SER B 203 -4.90 1.29 -19.15
N LEU B 204 -5.24 1.65 -17.92
CA LEU B 204 -4.51 1.12 -16.81
C LEU B 204 -5.36 -0.04 -16.35
N SER B 205 -6.67 0.21 -16.23
CA SER B 205 -7.57 -0.86 -15.88
C SER B 205 -9.04 -0.54 -16.14
N MET B 206 -9.84 -1.59 -16.38
CA MET B 206 -11.27 -1.38 -16.53
C MET B 206 -12.01 -1.84 -15.30
N VAL B 207 -11.28 -2.29 -14.27
CA VAL B 207 -11.93 -2.84 -13.10
C VAL B 207 -12.88 -1.91 -12.38
N TYR B 208 -12.61 -0.60 -12.37
CA TYR B 208 -13.51 0.32 -11.71
C TYR B 208 -14.39 1.06 -12.71
N VAL B 209 -13.83 1.28 -13.88
CA VAL B 209 -14.50 1.97 -14.97
C VAL B 209 -15.80 1.32 -15.39
N SER B 210 -15.79 0.01 -15.45
CA SER B 210 -16.97 -0.72 -15.87
C SER B 210 -18.08 -0.66 -14.83
N VAL B 211 -17.81 -0.26 -13.59
CA VAL B 211 -18.89 -0.22 -12.62
C VAL B 211 -19.56 1.14 -12.63
N MET B 212 -18.78 2.20 -12.54
CA MET B 212 -19.36 3.55 -12.60
C MET B 212 -18.31 4.56 -13.01
N SER B 213 -18.72 5.72 -13.48
CA SER B 213 -17.77 6.73 -13.90
C SER B 213 -17.09 7.35 -12.71
N ARG B 214 -15.95 8.00 -12.97
CA ARG B 214 -15.22 8.68 -11.90
C ARG B 214 -15.98 9.83 -11.30
N ASP B 215 -16.80 10.49 -12.08
CA ASP B 215 -17.51 11.61 -11.51
C ASP B 215 -18.69 11.15 -10.71
N ARG B 216 -19.26 10.00 -11.05
CA ARG B 216 -20.35 9.53 -10.27
C ARG B 216 -19.79 9.02 -8.97
N PHE B 217 -18.63 8.40 -9.05
CA PHE B 217 -18.00 7.90 -7.82
C PHE B 217 -17.67 9.06 -6.90
N ASP B 218 -17.05 10.11 -7.41
CA ASP B 218 -16.70 11.25 -6.58
C ASP B 218 -17.94 11.91 -6.00
N PHE B 219 -19.02 12.01 -6.76
CA PHE B 219 -20.22 12.65 -6.23
C PHE B 219 -20.85 11.79 -5.16
N LEU B 220 -20.96 10.50 -5.46
CA LEU B 220 -21.60 9.61 -4.54
C LEU B 220 -20.84 9.48 -3.26
N ILE B 221 -19.53 9.41 -3.31
CA ILE B 221 -18.81 9.22 -2.05
C ILE B 221 -18.86 10.48 -1.20
N ARG B 222 -18.90 11.63 -1.87
CA ARG B 222 -18.89 12.89 -1.20
C ARG B 222 -20.20 13.09 -0.42
N CYS B 223 -21.28 12.58 -0.98
CA CYS B 223 -22.59 12.75 -0.41
C CYS B 223 -23.02 11.65 0.54
N LEU B 224 -22.21 10.63 0.79
CA LEU B 224 -22.73 9.60 1.71
C LEU B 224 -22.95 10.13 3.10
N ARG B 225 -24.12 9.82 3.65
CA ARG B 225 -24.45 10.20 5.00
C ARG B 225 -25.14 9.05 5.69
N MET B 226 -24.87 8.94 7.00
CA MET B 226 -25.44 7.85 7.78
C MET B 226 -26.51 8.27 8.78
N ASP B 227 -27.03 9.49 8.62
CA ASP B 227 -27.94 10.01 9.62
C ASP B 227 -29.00 11.00 9.13
N ASP B 228 -29.85 11.41 10.09
CA ASP B 228 -30.91 12.38 9.82
C ASP B 228 -30.57 13.73 10.42
N LYS B 229 -30.24 14.68 9.58
CA LYS B 229 -29.83 15.99 10.04
C LYS B 229 -30.89 16.77 10.76
N SER B 230 -32.17 16.43 10.58
CA SER B 230 -33.21 17.20 11.23
C SER B 230 -33.37 16.80 12.69
N ILE B 231 -32.80 15.66 13.05
CA ILE B 231 -32.91 15.18 14.43
C ILE B 231 -31.66 15.52 15.19
N ARG B 232 -30.52 15.36 14.53
CA ARG B 232 -29.21 15.55 15.12
C ARG B 232 -29.04 16.72 16.05
N PRO B 233 -29.51 17.88 15.70
CA PRO B 233 -29.27 18.99 16.58
C PRO B 233 -29.78 18.87 18.03
N THR B 234 -30.68 17.93 18.29
CA THR B 234 -31.15 17.74 19.63
C THR B 234 -30.50 16.51 20.27
N LEU B 235 -29.63 15.82 19.52
CA LEU B 235 -28.95 14.65 20.03
C LEU B 235 -27.50 14.94 20.35
N ARG B 236 -26.94 15.87 19.60
CA ARG B 236 -25.51 16.18 19.64
C ARG B 236 -24.94 16.65 20.97
N GLU B 237 -25.74 17.25 21.85
CA GLU B 237 -25.15 17.67 23.10
C GLU B 237 -25.02 16.49 24.05
N ASN B 238 -25.70 15.40 23.71
CA ASN B 238 -25.66 14.22 24.55
C ASN B 238 -24.73 13.17 23.98
N ASP B 239 -24.62 13.12 22.67
CA ASP B 239 -23.75 12.11 22.03
C ASP B 239 -23.02 12.68 20.81
N VAL B 240 -21.72 12.83 20.98
CA VAL B 240 -20.82 13.37 19.98
C VAL B 240 -20.67 12.44 18.78
N PHE B 241 -21.07 11.20 18.98
CA PHE B 241 -20.97 10.18 17.95
C PHE B 241 -22.21 10.05 17.09
N THR B 242 -23.22 10.88 17.35
CA THR B 242 -24.48 10.82 16.65
C THR B 242 -24.42 10.49 15.16
N PRO B 243 -23.62 11.17 14.38
CA PRO B 243 -23.65 10.97 12.91
C PRO B 243 -23.24 9.56 12.43
N VAL B 244 -22.66 8.76 13.33
CA VAL B 244 -22.32 7.42 12.96
C VAL B 244 -23.14 6.39 13.72
N ARG B 245 -23.39 6.71 14.97
CA ARG B 245 -24.05 5.88 15.96
C ARG B 245 -25.14 4.94 15.55
N LYS B 246 -26.07 5.32 14.72
CA LYS B 246 -27.09 4.33 14.46
C LYS B 246 -26.56 3.15 13.70
N ILE B 247 -25.69 3.43 12.74
CA ILE B 247 -25.13 2.38 11.93
C ILE B 247 -24.16 1.56 12.71
N TRP B 248 -23.39 2.24 13.52
CA TRP B 248 -22.46 1.60 14.33
C TRP B 248 -23.13 0.56 15.25
N ASP B 249 -24.20 0.96 15.92
CA ASP B 249 -24.82 0.00 16.80
C ASP B 249 -25.39 -1.17 16.06
N LEU B 250 -25.94 -0.97 14.87
CA LEU B 250 -26.45 -2.08 14.13
C LEU B 250 -25.32 -3.04 13.75
N PHE B 251 -24.20 -2.44 13.33
CA PHE B 251 -23.03 -3.19 12.94
C PHE B 251 -22.46 -4.06 14.06
N ILE B 252 -22.26 -3.46 15.20
CA ILE B 252 -21.70 -4.19 16.31
C ILE B 252 -22.67 -5.29 16.77
N HIS B 253 -23.93 -4.97 16.78
CA HIS B 253 -24.87 -5.93 17.14
C HIS B 253 -24.73 -7.23 16.31
N GLN B 254 -24.61 -7.08 15.01
CA GLN B 254 -24.42 -8.26 14.20
C GLN B 254 -23.10 -8.94 14.48
N CYS B 255 -22.08 -8.17 14.78
CA CYS B 255 -20.78 -8.79 15.04
C CYS B 255 -20.83 -9.66 16.28
N ILE B 256 -21.64 -9.26 17.26
CA ILE B 256 -21.80 -10.02 18.49
C ILE B 256 -22.68 -11.24 18.29
N GLN B 257 -23.78 -11.07 17.58
CA GLN B 257 -24.75 -12.13 17.38
C GLN B 257 -24.22 -13.32 16.61
N ASN B 258 -23.39 -13.10 15.61
CA ASN B 258 -22.87 -14.23 14.87
C ASN B 258 -21.53 -14.62 15.46
N TYR B 259 -21.22 -15.92 15.45
CA TYR B 259 -19.91 -16.44 15.91
C TYR B 259 -19.72 -16.57 17.40
N THR B 260 -19.85 -17.77 17.90
CA THR B 260 -19.60 -17.98 19.29
C THR B 260 -18.06 -17.89 19.50
N PRO B 261 -17.63 -17.09 20.51
CA PRO B 261 -16.24 -16.97 20.99
C PRO B 261 -15.65 -18.27 21.49
N GLY B 262 -14.33 -18.29 21.61
CA GLY B 262 -13.62 -19.45 22.08
C GLY B 262 -13.23 -19.26 23.55
N ALA B 263 -12.26 -20.04 23.99
CA ALA B 263 -11.84 -19.96 25.39
C ALA B 263 -10.91 -18.81 25.68
N HIS B 264 -10.43 -18.12 24.64
CA HIS B 264 -9.49 -17.05 24.83
C HIS B 264 -9.88 -15.86 24.06
N LEU B 265 -9.93 -14.74 24.76
CA LEU B 265 -10.32 -13.47 24.18
C LEU B 265 -9.24 -12.45 24.40
N THR B 266 -9.11 -11.45 23.52
CA THR B 266 -8.09 -10.46 23.74
C THR B 266 -8.62 -9.03 23.65
N ILE B 267 -8.24 -8.20 24.62
CA ILE B 267 -8.69 -6.81 24.61
C ILE B 267 -7.54 -5.81 24.50
N ASP B 268 -7.69 -4.98 23.48
CA ASP B 268 -6.73 -3.96 23.13
C ASP B 268 -7.44 -2.89 22.32
N GLU B 269 -6.71 -1.87 21.90
CA GLU B 269 -7.30 -0.78 21.13
C GLU B 269 -6.70 -0.64 19.73
N GLN B 270 -7.49 -0.05 18.84
CA GLN B 270 -7.05 0.21 17.46
C GLN B 270 -7.32 1.66 17.11
N LEU B 271 -6.52 2.24 16.25
CA LEU B 271 -6.69 3.64 15.91
C LEU B 271 -7.03 3.80 14.44
N LEU B 272 -8.12 4.46 14.15
CA LEU B 272 -8.52 4.71 12.77
C LEU B 272 -7.87 6.02 12.39
N GLY B 273 -6.86 6.01 11.57
CA GLY B 273 -6.19 7.23 11.23
C GLY B 273 -7.10 8.26 10.62
N PHE B 274 -6.92 9.49 11.08
CA PHE B 274 -7.72 10.58 10.60
C PHE B 274 -7.15 11.92 11.17
N ARG B 275 -6.68 12.79 10.29
CA ARG B 275 -6.09 14.05 10.73
C ARG B 275 -6.96 15.27 10.49
N GLY B 276 -8.18 15.01 10.08
CA GLY B 276 -9.11 16.08 9.80
C GLY B 276 -9.77 16.52 11.10
N ARG B 277 -10.85 17.27 11.00
CA ARG B 277 -11.51 17.70 12.22
C ARG B 277 -12.35 16.61 12.82
N CYS B 278 -12.18 16.43 14.10
CA CYS B 278 -12.97 15.45 14.81
C CYS B 278 -12.87 15.82 16.32
N PRO B 279 -13.98 16.00 16.94
CA PRO B 279 -14.05 16.40 18.36
C PRO B 279 -13.42 15.49 19.33
N PHE B 280 -13.32 14.24 18.92
CA PHE B 280 -12.71 13.29 19.83
C PHE B 280 -11.49 12.66 19.20
N ARG B 281 -10.82 13.40 18.30
CA ARG B 281 -9.63 12.90 17.70
C ARG B 281 -8.55 12.75 18.72
N MET B 282 -7.82 11.66 18.69
CA MET B 282 -6.77 11.50 19.67
C MET B 282 -5.41 11.31 19.06
N TYR B 283 -4.41 11.92 19.72
CA TYR B 283 -3.04 11.77 19.30
C TYR B 283 -2.42 10.63 20.12
N ILE B 284 -1.84 9.65 19.46
CA ILE B 284 -1.18 8.61 20.21
C ILE B 284 0.19 8.38 19.59
N PRO B 285 1.25 8.57 20.37
CA PRO B 285 2.63 8.34 19.92
C PRO B 285 2.80 6.88 19.70
N ASN B 286 3.92 6.49 19.18
CA ASN B 286 4.18 5.09 18.99
C ASN B 286 3.10 4.32 18.26
N LYS B 287 2.63 4.96 17.18
CA LYS B 287 1.64 4.37 16.28
C LYS B 287 2.03 4.62 14.86
N PRO B 288 1.43 3.80 13.93
CA PRO B 288 1.51 3.94 12.49
C PRO B 288 0.93 5.21 12.01
N SER B 289 -0.01 5.65 12.77
CA SER B 289 -0.71 6.80 12.42
C SER B 289 -0.87 7.58 13.69
N LYS B 290 -0.34 8.77 13.72
CA LYS B 290 -0.38 9.55 14.95
C LYS B 290 -1.75 10.00 15.40
N TYR B 291 -2.61 10.39 14.50
CA TYR B 291 -3.90 10.88 14.92
C TYR B 291 -5.03 10.11 14.33
N GLY B 292 -6.11 9.96 15.12
CA GLY B 292 -7.26 9.25 14.61
C GLY B 292 -8.34 9.00 15.64
N ILE B 293 -9.30 8.16 15.28
CA ILE B 293 -10.38 7.83 16.17
C ILE B 293 -10.03 6.55 16.89
N LYS B 294 -10.02 6.60 18.20
CA LYS B 294 -9.66 5.42 18.96
C LYS B 294 -10.84 4.51 19.20
N ILE B 295 -10.68 3.23 18.84
CA ILE B 295 -11.71 2.23 19.04
C ILE B 295 -11.24 1.19 20.04
N LEU B 296 -12.00 1.02 21.11
CA LEU B 296 -11.64 -0.03 22.06
C LEU B 296 -12.17 -1.30 21.49
N MET B 297 -11.42 -2.38 21.53
CA MET B 297 -11.94 -3.58 20.84
C MET B 297 -11.67 -4.92 21.51
N MET B 298 -12.62 -5.84 21.32
CA MET B 298 -12.44 -7.19 21.82
C MET B 298 -12.48 -8.13 20.65
N CYS B 299 -11.44 -8.97 20.57
CA CYS B 299 -11.32 -9.96 19.51
C CYS B 299 -11.13 -11.35 20.02
N ASP B 300 -11.63 -12.31 19.29
CA ASP B 300 -11.43 -13.70 19.65
C ASP B 300 -9.96 -14.02 19.41
N SER B 301 -9.41 -14.94 20.18
CA SER B 301 -8.02 -15.32 19.99
C SER B 301 -7.96 -16.51 19.08
N GLY B 302 -6.83 -16.65 18.40
CA GLY B 302 -6.65 -17.76 17.46
C GLY B 302 -7.28 -17.37 16.14
N THR B 303 -8.58 -17.23 16.15
CA THR B 303 -9.31 -16.78 14.98
C THR B 303 -9.65 -15.36 15.26
N LYS B 304 -9.12 -14.46 14.46
CA LYS B 304 -9.31 -13.07 14.81
C LYS B 304 -10.60 -12.44 14.39
N TYR B 305 -11.65 -12.86 15.05
CA TYR B 305 -12.99 -12.39 14.81
C TYR B 305 -13.25 -11.21 15.70
N MET B 306 -13.76 -10.13 15.14
CA MET B 306 -14.02 -8.96 15.94
C MET B 306 -15.37 -9.14 16.63
N ILE B 307 -15.41 -9.16 17.97
CA ILE B 307 -16.66 -9.42 18.66
C ILE B 307 -17.39 -8.17 19.07
N ASN B 308 -16.67 -7.23 19.61
CA ASN B 308 -17.26 -6.04 20.15
C ASN B 308 -16.31 -4.89 20.03
N GLY B 309 -16.76 -3.72 20.44
CA GLY B 309 -15.91 -2.55 20.41
C GLY B 309 -16.73 -1.29 20.55
N MET B 310 -16.02 -0.21 20.80
CA MET B 310 -16.66 1.07 20.95
C MET B 310 -15.68 2.19 20.86
N PRO B 311 -16.06 3.31 20.26
CA PRO B 311 -15.28 4.52 20.25
C PRO B 311 -14.96 5.05 21.60
N TYR B 312 -13.87 5.76 21.70
CA TYR B 312 -13.48 6.38 22.91
C TYR B 312 -14.35 7.61 23.20
N LEU B 313 -14.57 8.41 22.17
CA LEU B 313 -15.41 9.62 22.19
C LEU B 313 -15.00 10.72 23.14
N GLY B 314 -13.69 10.83 23.38
CA GLY B 314 -13.23 11.94 24.21
C GLY B 314 -13.21 11.67 25.71
N ARG B 315 -12.73 12.69 26.41
CA ARG B 315 -12.55 12.68 27.86
C ARG B 315 -13.85 12.88 28.58
N GLY B 316 -14.90 13.15 27.80
CA GLY B 316 -16.20 13.35 28.37
C GLY B 316 -16.86 12.02 28.70
N THR B 317 -16.20 10.88 28.39
CA THR B 317 -16.80 9.62 28.71
C THR B 317 -17.13 9.61 30.18
N GLN B 318 -18.36 9.29 30.51
CA GLN B 318 -18.78 9.27 31.88
C GLN B 318 -18.73 7.89 32.46
N THR B 319 -18.01 7.75 33.54
CA THR B 319 -17.95 6.51 34.25
C THR B 319 -18.31 6.84 35.66
N ASN B 320 -18.56 5.85 36.48
CA ASN B 320 -18.92 6.16 37.85
C ASN B 320 -17.97 5.54 38.84
N GLY B 321 -16.89 6.26 39.16
CA GLY B 321 -15.88 5.80 40.08
C GLY B 321 -14.83 4.96 39.38
N VAL B 322 -15.31 3.99 38.65
CA VAL B 322 -14.49 3.06 37.92
C VAL B 322 -13.58 3.80 36.97
N PRO B 323 -12.25 3.53 36.96
CA PRO B 323 -11.28 3.97 35.99
C PRO B 323 -11.56 3.48 34.59
N LEU B 324 -11.02 4.09 33.58
CA LEU B 324 -11.29 3.61 32.26
C LEU B 324 -10.70 2.25 31.98
N GLY B 325 -9.52 1.93 32.50
CA GLY B 325 -8.98 0.62 32.19
C GLY B 325 -9.97 -0.49 32.52
N GLU B 326 -10.47 -0.45 33.75
CA GLU B 326 -11.42 -1.40 34.31
C GLU B 326 -12.77 -1.32 33.62
N TYR B 327 -13.19 -0.10 33.42
CA TYR B 327 -14.47 0.15 32.77
C TYR B 327 -14.61 -0.47 31.40
N TYR B 328 -13.61 -0.28 30.56
CA TYR B 328 -13.74 -0.83 29.24
C TYR B 328 -13.69 -2.33 29.24
N VAL B 329 -12.89 -2.96 30.09
CA VAL B 329 -12.90 -4.41 29.99
C VAL B 329 -14.29 -4.92 30.39
N LYS B 330 -14.88 -4.36 31.43
CA LYS B 330 -16.19 -4.83 31.79
C LYS B 330 -17.22 -4.60 30.71
N GLU B 331 -17.20 -3.46 30.03
CA GLU B 331 -18.20 -3.27 29.00
C GLU B 331 -17.96 -4.09 27.74
N LEU B 332 -16.71 -4.24 27.31
CA LEU B 332 -16.44 -4.98 26.10
C LEU B 332 -16.78 -6.44 26.24
N SER B 333 -16.53 -6.97 27.44
CA SER B 333 -16.77 -8.35 27.71
C SER B 333 -18.21 -8.66 28.06
N LYS B 334 -19.08 -7.66 28.08
CA LYS B 334 -20.45 -7.96 28.44
C LYS B 334 -21.08 -9.21 27.80
N PRO B 335 -21.06 -9.37 26.50
CA PRO B 335 -21.74 -10.46 25.84
C PRO B 335 -21.21 -11.86 26.27
N VAL B 336 -20.08 -11.91 26.97
CA VAL B 336 -19.53 -13.20 27.44
C VAL B 336 -19.44 -13.16 28.95
N ARG B 337 -20.04 -12.15 29.53
CA ARG B 337 -19.93 -11.94 30.95
C ARG B 337 -20.31 -13.11 31.83
N GLY B 338 -21.30 -13.88 31.43
CA GLY B 338 -21.72 -15.00 32.28
C GLY B 338 -21.01 -16.32 31.98
N SER B 339 -20.06 -16.33 31.05
CA SER B 339 -19.35 -17.56 30.72
C SER B 339 -17.89 -17.46 31.06
N CYS B 340 -17.23 -18.56 31.35
CA CYS B 340 -15.84 -18.41 31.68
C CYS B 340 -14.94 -18.51 30.49
N ARG B 341 -14.21 -17.45 30.27
CA ARG B 341 -13.26 -17.29 29.19
C ARG B 341 -12.05 -16.59 29.78
N ASN B 342 -10.89 -16.75 29.18
CA ASN B 342 -9.71 -16.13 29.69
C ASN B 342 -9.31 -14.91 28.87
N ILE B 343 -9.52 -13.72 29.41
CA ILE B 343 -9.21 -12.51 28.69
C ILE B 343 -7.77 -12.12 28.86
N THR B 344 -7.13 -11.91 27.75
CA THR B 344 -5.76 -11.46 27.70
C THR B 344 -5.83 -10.01 27.35
N CYS B 345 -5.10 -9.19 28.05
CA CYS B 345 -5.20 -7.78 27.74
C CYS B 345 -3.94 -7.02 28.00
N ASP B 346 -3.92 -5.78 27.56
CA ASP B 346 -2.79 -4.89 27.68
C ASP B 346 -2.62 -4.32 29.08
N ASN B 347 -1.55 -3.54 29.32
CA ASN B 347 -1.28 -3.04 30.66
C ASN B 347 -2.02 -1.73 30.95
N TRP B 348 -2.76 -1.30 29.97
CA TRP B 348 -3.58 -0.12 30.10
C TRP B 348 -4.84 -0.55 30.82
N PHE B 349 -5.16 -1.84 30.77
CA PHE B 349 -6.36 -2.34 31.37
C PHE B 349 -6.09 -3.22 32.56
N THR B 350 -5.01 -3.98 32.49
CA THR B 350 -4.65 -4.92 33.53
C THR B 350 -4.37 -4.26 34.87
N SER B 351 -5.02 -4.74 35.91
CA SER B 351 -4.84 -4.21 37.26
C SER B 351 -5.41 -5.17 38.28
N ILE B 352 -5.07 -4.96 39.54
CA ILE B 352 -5.62 -5.91 40.48
C ILE B 352 -7.12 -5.75 40.63
N PRO B 353 -7.63 -4.58 40.88
CA PRO B 353 -9.11 -4.47 41.05
C PRO B 353 -9.86 -4.95 39.82
N LEU B 354 -9.32 -4.88 38.63
CA LEU B 354 -10.07 -5.43 37.54
C LEU B 354 -10.06 -6.94 37.70
N ALA B 355 -8.91 -7.50 38.00
CA ALA B 355 -8.86 -8.94 38.12
C ALA B 355 -9.74 -9.45 39.24
N LYS B 356 -9.77 -8.76 40.37
CA LYS B 356 -10.56 -9.26 41.48
C LYS B 356 -12.04 -9.13 41.26
N ASN B 357 -12.43 -8.09 40.58
CA ASN B 357 -13.83 -7.86 40.45
C ASN B 357 -14.45 -8.53 39.25
N LEU B 358 -13.67 -9.38 38.57
CA LEU B 358 -14.27 -10.09 37.45
C LEU B 358 -14.56 -11.51 37.83
N LEU B 359 -14.38 -11.86 39.09
CA LEU B 359 -14.68 -13.21 39.51
C LEU B 359 -15.69 -13.09 40.63
N GLN B 360 -16.88 -12.71 40.23
CA GLN B 360 -17.99 -12.50 41.17
C GLN B 360 -19.23 -13.15 40.62
N GLU B 361 -20.36 -13.02 41.28
CA GLU B 361 -21.55 -13.65 40.71
C GLU B 361 -21.70 -13.17 39.25
N PRO B 362 -21.97 -11.87 38.97
CA PRO B 362 -21.86 -11.34 37.62
C PRO B 362 -20.39 -11.44 37.29
N TYR B 363 -20.08 -11.52 36.01
CA TYR B 363 -18.67 -11.56 35.60
C TYR B 363 -17.92 -12.74 36.10
N LYS B 364 -17.68 -13.72 35.23
CA LYS B 364 -16.86 -14.82 35.72
C LYS B 364 -15.75 -15.05 34.71
N LEU B 365 -14.92 -14.04 34.60
CA LEU B 365 -13.84 -14.00 33.62
C LEU B 365 -12.49 -13.81 34.26
N THR B 366 -11.45 -14.41 33.68
CA THR B 366 -10.13 -14.19 34.24
C THR B 366 -9.36 -13.23 33.39
N ILE B 367 -8.31 -12.70 33.99
CA ILE B 367 -7.43 -11.74 33.35
C ILE B 367 -5.97 -12.15 33.34
N VAL B 368 -5.35 -12.04 32.17
CA VAL B 368 -3.94 -12.28 32.04
C VAL B 368 -3.32 -11.09 31.30
N GLY B 369 -2.22 -10.53 31.80
CA GLY B 369 -1.62 -9.42 31.10
C GLY B 369 -0.47 -8.81 31.86
N THR B 370 0.24 -7.87 31.24
CA THR B 370 1.35 -7.26 31.90
C THR B 370 0.85 -6.12 32.74
N VAL B 371 1.66 -5.68 33.68
CA VAL B 371 1.28 -4.56 34.51
C VAL B 371 2.37 -3.52 34.58
N ARG B 372 2.00 -2.32 34.96
CA ARG B 372 2.99 -1.28 35.12
C ARG B 372 3.71 -1.46 36.43
N SER B 373 4.98 -1.07 36.40
CA SER B 373 5.87 -1.21 37.53
C SER B 373 5.55 -0.25 38.67
N ASN B 374 4.75 0.77 38.41
CA ASN B 374 4.43 1.74 39.44
C ASN B 374 3.15 1.47 40.17
N LYS B 375 2.50 0.34 39.94
CA LYS B 375 1.29 0.12 40.68
C LYS B 375 1.60 -0.36 42.10
N ARG B 376 0.89 0.19 43.09
CA ARG B 376 1.10 -0.25 44.47
C ARG B 376 0.30 -1.47 44.76
N GLU B 377 0.64 -2.46 44.01
CA GLU B 377 0.02 -3.73 44.04
C GLU B 377 1.14 -4.73 44.05
N ILE B 378 2.24 -4.31 43.45
CA ILE B 378 3.42 -5.10 43.33
C ILE B 378 4.26 -5.00 44.60
N PRO B 379 4.54 -6.09 45.28
CA PRO B 379 5.39 -6.12 46.46
C PRO B 379 6.81 -5.73 46.12
N GLU B 380 7.56 -5.40 47.17
CA GLU B 380 8.94 -5.01 47.04
C GLU B 380 9.90 -6.16 46.70
N VAL B 381 9.40 -7.36 46.86
CA VAL B 381 10.18 -8.54 46.56
C VAL B 381 10.27 -8.71 45.05
N LEU B 382 9.24 -8.31 44.33
CA LEU B 382 9.30 -8.41 42.90
C LEU B 382 9.79 -7.10 42.35
N LYS B 383 9.41 -6.02 43.01
CA LYS B 383 9.80 -4.68 42.60
C LYS B 383 11.23 -4.35 43.07
N ASN B 384 12.18 -5.07 42.48
CA ASN B 384 13.58 -4.95 42.80
C ASN B 384 14.43 -4.82 41.56
N SER B 385 14.64 -5.98 40.96
CA SER B 385 15.48 -6.10 39.75
C SER B 385 16.91 -5.66 39.97
N ARG B 386 17.46 -5.91 41.18
CA ARG B 386 18.83 -5.50 41.41
C ARG B 386 19.74 -6.67 41.76
N SER B 387 19.31 -7.50 42.70
CA SER B 387 20.16 -8.62 43.11
C SER B 387 19.85 -9.86 42.30
N ARG B 388 18.74 -9.82 41.59
CA ARG B 388 18.26 -10.91 40.80
C ARG B 388 19.08 -11.18 39.56
N PRO B 389 19.52 -12.42 39.33
CA PRO B 389 20.28 -12.75 38.13
C PRO B 389 19.37 -12.70 36.91
N VAL B 390 19.95 -12.39 35.78
CA VAL B 390 19.22 -12.26 34.55
C VAL B 390 18.75 -13.59 34.06
N GLY B 391 17.48 -13.63 33.69
CA GLY B 391 16.86 -14.81 33.17
C GLY B 391 16.03 -15.52 34.26
N THR B 392 16.18 -15.10 35.50
CA THR B 392 15.43 -15.74 36.57
C THR B 392 14.15 -15.01 36.80
N SER B 393 13.28 -15.65 37.56
CA SER B 393 11.96 -15.11 37.84
C SER B 393 11.54 -15.42 39.26
N MET B 394 10.58 -14.67 39.72
CA MET B 394 10.02 -14.90 41.00
C MET B 394 8.53 -14.61 40.98
N PHE B 395 7.78 -15.32 41.79
CA PHE B 395 6.36 -15.00 41.84
C PHE B 395 5.78 -15.32 43.18
N CYS B 396 4.61 -14.74 43.38
CA CYS B 396 3.91 -14.88 44.65
C CYS B 396 2.42 -14.86 44.43
N PHE B 397 1.72 -15.24 45.46
CA PHE B 397 0.28 -15.30 45.39
C PHE B 397 -0.30 -14.28 46.32
N ASP B 398 -1.26 -13.53 45.80
CA ASP B 398 -1.92 -12.52 46.60
C ASP B 398 -3.17 -13.11 47.23
N GLY B 399 -3.71 -14.12 46.58
CA GLY B 399 -4.88 -14.81 47.01
C GLY B 399 -5.31 -15.72 45.85
N PRO B 400 -6.46 -15.45 45.22
CA PRO B 400 -6.93 -16.16 44.04
C PRO B 400 -6.03 -16.01 42.87
N LEU B 401 -5.40 -14.88 42.91
CA LEU B 401 -4.56 -14.55 41.81
C LEU B 401 -3.08 -14.49 42.15
N THR B 402 -2.26 -14.52 41.09
CA THR B 402 -0.81 -14.47 41.20
C THR B 402 -0.13 -13.44 40.33
N LEU B 403 1.04 -13.03 40.81
CA LEU B 403 1.86 -12.03 40.16
C LEU B 403 3.28 -12.55 40.00
N VAL B 404 3.81 -12.43 38.80
CA VAL B 404 5.16 -12.87 38.50
C VAL B 404 5.95 -11.79 37.88
N SER B 405 7.22 -11.80 38.16
CA SER B 405 8.07 -10.84 37.54
C SER B 405 9.32 -11.54 37.15
N TYR B 406 9.95 -11.06 36.13
CA TYR B 406 11.18 -11.71 35.75
C TYR B 406 12.09 -10.72 35.13
N LYS B 407 13.37 -11.04 35.13
CA LYS B 407 14.34 -10.10 34.64
C LYS B 407 15.09 -10.56 33.42
N PRO B 408 14.48 -10.39 32.24
CA PRO B 408 15.15 -10.80 30.97
C PRO B 408 16.42 -10.06 30.65
N LYS B 409 16.60 -8.84 31.15
CA LYS B 409 17.81 -8.10 30.80
C LYS B 409 18.43 -7.52 32.01
N PRO B 410 19.71 -7.25 31.99
CA PRO B 410 20.35 -6.72 33.20
C PRO B 410 19.79 -5.38 33.69
N ALA B 411 19.04 -4.64 32.89
CA ALA B 411 18.46 -3.37 33.37
C ALA B 411 16.96 -3.36 33.14
N LYS B 412 16.34 -4.52 32.94
CA LYS B 412 14.90 -4.50 32.71
C LYS B 412 14.11 -5.64 33.32
N MET B 413 13.00 -5.29 33.95
CA MET B 413 12.07 -6.22 34.55
C MET B 413 10.65 -6.03 34.05
N VAL B 414 9.97 -7.19 33.90
CA VAL B 414 8.56 -7.21 33.47
C VAL B 414 7.70 -7.89 34.50
N TYR B 415 6.50 -7.36 34.71
CA TYR B 415 5.57 -7.93 35.65
C TYR B 415 4.33 -8.41 34.96
N LEU B 416 3.82 -9.56 35.36
CA LEU B 416 2.60 -10.12 34.78
C LEU B 416 1.62 -10.61 35.80
N LEU B 417 0.35 -10.42 35.49
CA LEU B 417 -0.73 -10.79 36.38
C LEU B 417 -1.58 -11.90 35.77
N SER B 418 -2.00 -12.85 36.61
CA SER B 418 -2.97 -13.87 36.18
C SER B 418 -3.95 -14.18 37.28
N SER B 419 -5.23 -14.08 36.95
CA SER B 419 -6.28 -14.38 37.93
C SER B 419 -6.86 -15.75 37.70
N CYS B 420 -6.22 -16.49 36.81
CA CYS B 420 -6.65 -17.87 36.60
C CYS B 420 -6.19 -18.65 37.80
N ASP B 421 -6.90 -19.71 38.17
CA ASP B 421 -6.43 -20.45 39.34
C ASP B 421 -5.36 -21.41 38.87
N GLU B 422 -4.11 -20.98 39.07
CA GLU B 422 -3.04 -21.78 38.57
C GLU B 422 -1.69 -21.49 39.22
N ASP B 423 -0.80 -22.45 39.05
CA ASP B 423 0.62 -22.32 39.32
C ASP B 423 1.21 -23.11 38.19
N ALA B 424 1.51 -22.43 37.12
CA ALA B 424 2.00 -23.03 35.92
C ALA B 424 3.51 -23.21 35.89
N SER B 425 4.18 -22.74 36.96
CA SER B 425 5.62 -22.84 37.06
C SER B 425 6.35 -22.23 35.87
N ILE B 426 7.50 -22.84 35.54
CA ILE B 426 8.41 -22.38 34.48
C ILE B 426 8.57 -23.37 33.34
N ASN B 427 8.48 -22.87 32.13
CA ASN B 427 8.63 -23.67 30.93
C ASN B 427 10.10 -23.85 30.61
N GLU B 428 10.60 -25.04 30.86
CA GLU B 428 12.03 -25.35 30.66
C GLU B 428 12.58 -25.20 29.26
N SER B 429 11.71 -25.12 28.26
CA SER B 429 12.22 -24.98 26.92
C SER B 429 12.74 -23.56 26.67
N THR B 430 12.29 -22.60 27.47
CA THR B 430 12.78 -21.24 27.28
C THR B 430 13.30 -20.63 28.56
N GLY B 431 12.81 -21.16 29.69
CA GLY B 431 13.15 -20.65 30.99
C GLY B 431 12.18 -19.56 31.41
N LYS B 432 11.27 -19.20 30.53
CA LYS B 432 10.29 -18.19 30.83
C LYS B 432 9.14 -18.79 31.65
N PRO B 433 8.57 -18.04 32.55
CA PRO B 433 7.53 -18.54 33.37
C PRO B 433 6.36 -18.87 32.41
N GLN B 434 5.63 -19.91 32.73
CA GLN B 434 4.56 -20.33 31.84
C GLN B 434 3.52 -19.26 31.61
N MET B 435 3.29 -18.38 32.58
CA MET B 435 2.35 -17.28 32.39
C MET B 435 2.74 -16.40 31.21
N VAL B 436 4.04 -16.21 31.05
CA VAL B 436 4.57 -15.43 29.95
C VAL B 436 4.34 -16.13 28.63
N MET B 437 4.63 -17.44 28.62
CA MET B 437 4.44 -18.17 27.41
C MET B 437 2.98 -18.09 26.96
N TYR B 438 2.08 -18.21 27.92
CA TYR B 438 0.67 -18.13 27.59
C TYR B 438 0.34 -16.75 27.02
N TYR B 439 0.76 -15.70 27.69
CA TYR B 439 0.53 -14.38 27.26
C TYR B 439 0.97 -14.16 25.82
N ASN B 440 2.17 -14.61 25.50
CA ASN B 440 2.67 -14.40 24.16
C ASN B 440 1.82 -15.04 23.10
N GLN B 441 1.15 -16.13 23.43
CA GLN B 441 0.34 -16.78 22.44
C GLN B 441 -1.03 -16.12 22.22
N THR B 442 -1.57 -15.41 23.21
CA THR B 442 -2.92 -14.85 23.02
C THR B 442 -2.99 -13.35 22.84
N LYS B 443 -1.95 -12.63 23.21
CA LYS B 443 -1.91 -11.18 23.15
C LYS B 443 -2.11 -10.60 21.77
N GLY B 444 -1.88 -11.40 20.74
CA GLY B 444 -1.95 -10.92 19.35
C GLY B 444 -3.35 -10.96 18.73
N GLY B 445 -4.37 -11.31 19.49
CA GLY B 445 -5.72 -11.41 18.94
C GLY B 445 -6.28 -10.09 18.37
N VAL B 446 -5.89 -8.93 18.92
CA VAL B 446 -6.43 -7.66 18.40
C VAL B 446 -5.53 -7.01 17.35
N ASP B 447 -4.22 -7.02 17.60
CA ASP B 447 -3.31 -6.39 16.66
C ASP B 447 -3.15 -7.18 15.36
N THR B 448 -3.36 -8.49 15.43
CA THR B 448 -3.30 -9.27 14.21
C THR B 448 -4.44 -8.83 13.33
N LEU B 449 -5.58 -8.51 13.94
CA LEU B 449 -6.71 -8.05 13.17
C LEU B 449 -6.36 -6.76 12.51
N ASP B 450 -5.67 -5.88 13.23
CA ASP B 450 -5.28 -4.62 12.63
C ASP B 450 -4.27 -4.86 11.51
N GLN B 451 -3.39 -5.84 11.68
CA GLN B 451 -2.43 -6.13 10.63
C GLN B 451 -3.14 -6.63 9.39
N MET B 452 -4.15 -7.49 9.56
CA MET B 452 -4.83 -7.95 8.38
C MET B 452 -5.52 -6.81 7.71
N CYS B 453 -6.04 -5.89 8.53
CA CYS B 453 -6.74 -4.76 7.98
C CYS B 453 -5.81 -3.87 7.20
N SER B 454 -4.65 -3.54 7.75
CA SER B 454 -3.71 -2.66 7.05
C SER B 454 -3.08 -3.25 5.80
N VAL B 455 -2.97 -4.57 5.74
CA VAL B 455 -2.43 -5.18 4.55
C VAL B 455 -3.42 -5.02 3.40
N MET B 456 -4.71 -5.25 3.67
CA MET B 456 -5.76 -5.06 2.66
C MET B 456 -6.84 -4.16 3.22
N THR B 457 -6.59 -2.87 3.29
CA THR B 457 -7.55 -1.96 3.84
C THR B 457 -8.23 -1.14 2.79
N CYS B 458 -9.45 -0.75 3.05
CA CYS B 458 -10.15 0.16 2.16
C CYS B 458 -10.30 1.45 2.97
N SER B 459 -9.51 2.45 2.63
CA SER B 459 -9.54 3.71 3.33
C SER B 459 -9.12 4.80 2.43
N ARG B 460 -9.70 5.96 2.56
CA ARG B 460 -9.33 7.03 1.68
C ARG B 460 -9.20 8.34 2.40
N LYS B 461 -8.50 9.24 1.76
CA LYS B 461 -8.36 10.55 2.27
C LYS B 461 -9.71 11.22 2.33
N THR B 462 -10.02 11.81 3.46
CA THR B 462 -11.31 12.49 3.52
C THR B 462 -11.31 13.54 4.61
N ASN B 463 -12.18 14.51 4.48
CA ASN B 463 -12.28 15.50 5.53
C ASN B 463 -13.51 15.34 6.37
N ARG B 464 -14.16 14.21 6.29
CA ARG B 464 -15.34 13.96 7.09
C ARG B 464 -15.15 12.77 8.01
N TRP B 465 -15.03 13.03 9.33
CA TRP B 465 -14.70 11.92 10.20
C TRP B 465 -15.64 10.73 10.15
N PRO B 466 -16.93 10.88 9.97
CA PRO B 466 -17.78 9.70 9.98
C PRO B 466 -17.35 8.75 8.87
N MET B 467 -16.62 9.20 7.85
CA MET B 467 -16.17 8.29 6.81
C MET B 467 -15.08 7.39 7.31
N ALA B 468 -14.30 7.91 8.23
CA ALA B 468 -13.26 7.11 8.81
C ALA B 468 -13.88 5.93 9.50
N LEU B 469 -15.03 6.18 10.10
CA LEU B 469 -15.72 5.12 10.79
C LEU B 469 -16.34 4.17 9.81
N LEU B 470 -16.84 4.68 8.70
CA LEU B 470 -17.42 3.77 7.74
C LEU B 470 -16.37 2.90 7.13
N TYR B 471 -15.20 3.46 6.82
CA TYR B 471 -14.17 2.65 6.23
C TYR B 471 -13.73 1.57 7.19
N GLY B 472 -13.66 1.91 8.48
CA GLY B 472 -13.30 0.94 9.49
C GLY B 472 -14.31 -0.22 9.50
N MET B 473 -15.59 0.11 9.39
CA MET B 473 -16.63 -0.90 9.39
C MET B 473 -16.57 -1.79 8.16
N ILE B 474 -16.13 -1.25 7.03
CA ILE B 474 -16.03 -2.07 5.84
C ILE B 474 -14.93 -3.08 6.04
N ASN B 475 -13.77 -2.66 6.57
CA ASN B 475 -12.69 -3.61 6.75
C ASN B 475 -13.05 -4.69 7.76
N ILE B 476 -13.78 -4.35 8.81
CA ILE B 476 -14.12 -5.34 9.77
C ILE B 476 -15.13 -6.28 9.19
N ALA B 477 -16.09 -5.78 8.45
CA ALA B 477 -17.08 -6.67 7.89
C ALA B 477 -16.40 -7.64 6.96
N CYS B 478 -15.39 -7.18 6.21
CA CYS B 478 -14.71 -8.07 5.29
C CYS B 478 -13.93 -9.15 6.00
N ILE B 479 -13.28 -8.83 7.11
CA ILE B 479 -12.56 -9.86 7.83
C ILE B 479 -13.50 -10.79 8.54
N ASN B 480 -14.55 -10.28 9.16
CA ASN B 480 -15.43 -11.18 9.86
C ASN B 480 -16.18 -12.05 8.88
N SER B 481 -16.48 -11.54 7.72
CA SER B 481 -17.19 -12.37 6.75
C SER B 481 -16.28 -13.54 6.28
N PHE B 482 -14.99 -13.19 6.18
CA PHE B 482 -14.04 -14.20 5.78
C PHE B 482 -13.98 -15.29 6.81
N ILE B 483 -13.95 -14.92 8.07
CA ILE B 483 -13.89 -15.91 9.11
C ILE B 483 -15.11 -16.81 9.12
N ILE B 484 -16.29 -16.25 9.02
CA ILE B 484 -17.47 -17.11 8.98
C ILE B 484 -17.40 -18.03 7.80
N TYR B 485 -17.08 -17.48 6.68
CA TYR B 485 -16.95 -18.23 5.46
C TYR B 485 -15.94 -19.37 5.56
N SER B 486 -14.78 -19.07 6.05
CA SER B 486 -13.74 -20.06 6.14
C SER B 486 -14.18 -21.22 7.00
N HIS B 487 -14.79 -20.87 8.11
CA HIS B 487 -15.25 -21.86 9.00
C HIS B 487 -16.27 -22.80 8.39
N ASN B 488 -17.27 -22.25 7.75
CA ASN B 488 -18.33 -23.06 7.18
C ASN B 488 -17.84 -23.96 6.07
N VAL B 489 -16.91 -23.47 5.28
CA VAL B 489 -16.40 -24.24 4.19
C VAL B 489 -15.51 -25.37 4.65
N SER B 490 -14.61 -25.12 5.59
CA SER B 490 -13.75 -26.21 6.04
C SER B 490 -14.53 -27.21 6.86
N SER B 491 -15.64 -26.79 7.46
CA SER B 491 -16.49 -27.69 8.24
C SER B 491 -17.16 -28.66 7.29
N LYS B 492 -17.62 -28.13 6.16
CA LYS B 492 -18.25 -28.94 5.13
C LYS B 492 -17.24 -29.95 4.59
N GLY B 493 -15.97 -29.54 4.54
CA GLY B 493 -14.90 -30.40 4.08
C GLY B 493 -14.32 -29.96 2.72
N GLU B 494 -14.63 -28.75 2.33
CA GLU B 494 -14.11 -28.21 1.07
C GLU B 494 -12.91 -27.34 1.36
N LYS B 495 -12.06 -27.16 0.38
CA LYS B 495 -10.91 -26.30 0.52
C LYS B 495 -11.31 -24.84 0.64
N VAL B 496 -10.62 -24.11 1.51
CA VAL B 496 -10.89 -22.70 1.70
C VAL B 496 -9.87 -21.86 0.96
N GLN B 497 -10.36 -20.88 0.19
CA GLN B 497 -9.50 -19.99 -0.57
C GLN B 497 -9.02 -18.87 0.32
N SER B 498 -7.92 -18.27 -0.04
CA SER B 498 -7.35 -17.17 0.69
C SER B 498 -8.18 -15.91 0.58
N ARG B 499 -7.90 -14.94 1.46
CA ARG B 499 -8.64 -13.70 1.51
C ARG B 499 -8.61 -12.97 0.20
N LYS B 500 -7.52 -13.10 -0.50
CA LYS B 500 -7.45 -12.41 -1.78
C LYS B 500 -8.51 -12.88 -2.75
N LYS B 501 -8.74 -14.20 -2.83
CA LYS B 501 -9.75 -14.68 -3.75
C LYS B 501 -11.13 -14.43 -3.25
N PHE B 502 -11.27 -14.43 -1.94
CA PHE B 502 -12.51 -14.17 -1.32
C PHE B 502 -13.00 -12.77 -1.73
N MET B 503 -12.08 -11.80 -1.61
CA MET B 503 -12.35 -10.42 -1.98
C MET B 503 -12.65 -10.28 -3.46
N ARG B 504 -11.97 -11.05 -4.32
CA ARG B 504 -12.29 -10.94 -5.74
C ARG B 504 -13.70 -11.43 -5.99
N ASN B 505 -14.11 -12.49 -5.30
CA ASN B 505 -15.44 -12.99 -5.50
C ASN B 505 -16.47 -12.07 -4.88
N LEU B 506 -16.11 -11.42 -3.79
CA LEU B 506 -17.03 -10.52 -3.15
C LEU B 506 -17.27 -9.35 -4.07
N TYR B 507 -16.25 -8.88 -4.73
CA TYR B 507 -16.36 -7.79 -5.67
C TYR B 507 -17.40 -8.09 -6.71
N MET B 508 -17.31 -9.21 -7.35
CA MET B 508 -18.27 -9.50 -8.38
C MET B 508 -19.65 -9.70 -7.84
N SER B 509 -19.80 -10.28 -6.71
CA SER B 509 -21.12 -10.46 -6.21
C SER B 509 -21.79 -9.14 -5.86
N LEU B 510 -21.00 -8.13 -5.45
CA LEU B 510 -21.56 -6.85 -5.12
C LEU B 510 -21.78 -5.97 -6.34
N THR B 511 -20.94 -6.07 -7.37
CA THR B 511 -21.11 -5.17 -8.49
C THR B 511 -21.87 -5.73 -9.67
N SER B 512 -22.08 -7.03 -9.73
CA SER B 512 -22.73 -7.60 -10.89
C SER B 512 -24.13 -7.13 -11.21
N SER B 513 -25.03 -7.05 -10.24
CA SER B 513 -26.41 -6.62 -10.57
C SER B 513 -26.45 -5.21 -11.09
N PHE B 514 -25.60 -4.37 -10.53
CA PHE B 514 -25.55 -3.00 -10.95
C PHE B 514 -25.09 -2.92 -12.40
N MET B 515 -24.00 -3.58 -12.71
CA MET B 515 -23.50 -3.53 -14.05
C MET B 515 -24.50 -4.06 -15.05
N ARG B 516 -25.25 -5.06 -14.64
CA ARG B 516 -26.29 -5.64 -15.48
C ARG B 516 -27.33 -4.61 -15.83
N LYS B 517 -27.64 -3.73 -14.91
CA LYS B 517 -28.64 -2.71 -15.17
C LYS B 517 -28.03 -1.49 -15.84
N ARG B 518 -26.75 -1.25 -15.63
CA ARG B 518 -26.13 -0.10 -16.22
C ARG B 518 -26.20 -0.22 -17.74
N LEU B 519 -26.18 -1.46 -18.20
CA LEU B 519 -26.22 -1.82 -19.63
C LEU B 519 -27.52 -1.49 -20.29
N GLU B 520 -28.56 -1.22 -19.52
CA GLU B 520 -29.84 -0.89 -20.11
C GLU B 520 -29.76 0.39 -20.92
N ALA B 521 -28.98 1.35 -20.50
CA ALA B 521 -28.91 2.57 -21.31
C ALA B 521 -28.43 2.21 -22.72
N PRO B 522 -29.18 2.62 -23.75
CA PRO B 522 -28.82 2.46 -25.16
C PRO B 522 -27.56 3.14 -25.58
N THR B 523 -27.21 4.12 -24.78
CA THR B 523 -26.09 5.01 -25.07
C THR B 523 -24.88 4.80 -24.16
N LEU B 524 -24.81 3.67 -23.46
CA LEU B 524 -23.71 3.44 -22.55
C LEU B 524 -22.39 3.09 -23.21
N LYS B 525 -21.85 4.04 -23.99
CA LYS B 525 -20.60 3.89 -24.72
C LYS B 525 -20.53 2.54 -25.44
N ARG B 526 -19.34 2.20 -25.94
CA ARG B 526 -19.15 0.93 -26.56
C ARG B 526 -18.16 0.14 -25.76
N TYR B 527 -17.14 0.79 -25.24
CA TYR B 527 -16.17 0.00 -24.51
C TYR B 527 -16.69 -0.38 -23.17
N LEU B 528 -17.61 0.38 -22.63
CA LEU B 528 -18.18 -0.03 -21.34
C LEU B 528 -19.07 -1.20 -21.56
N ARG B 529 -19.81 -1.15 -22.66
CA ARG B 529 -20.69 -2.25 -22.94
C ARG B 529 -19.97 -3.54 -23.13
N ASP B 530 -18.84 -3.50 -23.82
CA ASP B 530 -18.12 -4.73 -24.05
C ASP B 530 -17.38 -5.23 -22.83
N ASN B 531 -16.83 -4.34 -22.01
CA ASN B 531 -16.14 -4.82 -20.86
C ASN B 531 -17.11 -5.38 -19.84
N ILE B 532 -18.30 -4.80 -19.78
CA ILE B 532 -19.28 -5.32 -18.87
C ILE B 532 -19.83 -6.62 -19.39
N SER B 533 -20.14 -6.70 -20.66
CA SER B 533 -20.71 -7.92 -21.14
C SER B 533 -19.80 -9.11 -20.94
N ASN B 534 -18.50 -8.91 -21.07
CA ASN B 534 -17.60 -10.04 -20.94
C ASN B 534 -17.15 -10.36 -19.52
N ILE B 535 -17.68 -9.67 -18.55
CA ILE B 535 -17.31 -9.98 -17.19
C ILE B 535 -18.50 -10.56 -16.47
N LEU B 536 -19.68 -10.46 -17.02
CA LEU B 536 -20.82 -10.98 -16.28
C LEU B 536 -20.97 -12.49 -16.51
N PRO B 537 -21.04 -13.23 -15.40
CA PRO B 537 -21.06 -14.71 -15.32
C PRO B 537 -22.26 -15.31 -15.97
N ASN B 538 -23.31 -14.53 -16.07
CA ASN B 538 -24.56 -14.98 -16.64
C ASN B 538 -24.89 -14.37 -17.99
N GLU B 539 -23.86 -13.86 -18.66
CA GLU B 539 -24.12 -13.30 -19.98
C GLU B 539 -24.08 -14.46 -20.95
N VAL B 540 -25.13 -15.25 -20.90
CA VAL B 540 -25.23 -16.46 -21.69
C VAL B 540 -26.60 -16.51 -22.40
N PRO B 541 -26.67 -17.26 -23.53
CA PRO B 541 -27.87 -17.65 -24.26
C PRO B 541 -28.76 -18.60 -23.46
N GLY B 542 -30.03 -18.64 -23.78
CA GLY B 542 -30.93 -19.61 -23.13
C GLY B 542 -30.74 -20.94 -23.86
N THR B 543 -29.56 -21.50 -23.67
CA THR B 543 -29.15 -22.76 -24.30
C THR B 543 -30.03 -23.95 -23.93
N SER B 544 -30.44 -24.70 -24.94
CA SER B 544 -31.27 -25.88 -24.80
C SER B 544 -30.45 -27.09 -24.35
N ASP B 545 -31.12 -28.15 -23.93
CA ASP B 545 -30.43 -29.35 -23.47
C ASP B 545 -30.13 -30.29 -24.64
N ASP B 546 -31.01 -30.28 -25.64
CA ASP B 546 -30.88 -31.13 -26.82
C ASP B 546 -31.65 -30.52 -27.98
N SER B 547 -31.60 -31.16 -29.15
CA SER B 547 -32.33 -30.71 -30.33
C SER B 547 -33.00 -31.90 -31.02
N THR B 548 -34.33 -31.92 -30.99
CA THR B 548 -35.10 -33.04 -31.55
C THR B 548 -34.94 -33.31 -33.05
N GLU B 549 -34.96 -32.26 -33.87
CA GLU B 549 -34.87 -32.48 -35.31
C GLU B 549 -34.26 -31.30 -36.05
N GLU B 550 -33.34 -31.61 -36.99
CA GLU B 550 -32.68 -30.56 -37.82
C GLU B 550 -32.64 -30.99 -39.34
N PRO B 551 -31.89 -32.08 -39.78
CA PRO B 551 -31.89 -32.64 -41.13
C PRO B 551 -33.19 -33.23 -41.58
N VAL B 552 -33.94 -33.57 -40.59
CA VAL B 552 -35.17 -34.27 -40.76
C VAL B 552 -34.75 -35.65 -41.28
N THR B 553 -35.11 -35.98 -42.51
CA THR B 553 -34.77 -37.25 -43.13
C THR B 553 -34.17 -37.00 -44.50
N LYS B 554 -35.04 -37.02 -45.50
CA LYS B 554 -34.67 -36.80 -46.89
C LYS B 554 -35.78 -36.03 -47.60
N LYS B 555 -35.83 -34.72 -47.36
CA LYS B 555 -36.91 -33.86 -47.86
C LYS B 555 -36.84 -33.47 -49.35
N ARG B 556 -35.70 -33.08 -49.77
CA ARG B 556 -35.40 -32.85 -51.15
C ARG B 556 -34.26 -33.88 -51.10
N THR B 557 -33.12 -33.69 -51.67
CA THR B 557 -31.88 -34.49 -51.48
C THR B 557 -31.01 -33.64 -52.32
N TYR B 558 -31.70 -32.79 -53.06
CA TYR B 558 -31.09 -31.77 -53.87
C TYR B 558 -31.39 -30.41 -53.30
N CYS B 559 -30.43 -29.51 -53.54
CA CYS B 559 -30.47 -28.13 -53.13
C CYS B 559 -31.64 -27.42 -53.77
N THR B 560 -32.45 -26.77 -52.93
CA THR B 560 -33.65 -26.11 -53.43
C THR B 560 -33.32 -24.75 -54.02
N TYR B 561 -32.09 -24.35 -53.83
CA TYR B 561 -31.60 -23.08 -54.34
C TYR B 561 -30.77 -23.35 -55.60
N CYS B 562 -30.64 -24.62 -56.00
CA CYS B 562 -29.91 -25.01 -57.19
C CYS B 562 -30.84 -25.35 -58.37
N PRO B 563 -30.38 -25.04 -59.60
CA PRO B 563 -31.03 -25.42 -60.85
C PRO B 563 -31.10 -26.95 -61.09
N SER B 564 -32.05 -27.40 -61.90
CA SER B 564 -32.27 -28.80 -62.28
C SER B 564 -31.12 -29.32 -63.13
N LYS B 565 -30.39 -28.38 -63.70
CA LYS B 565 -29.24 -28.64 -64.54
C LYS B 565 -28.03 -29.03 -63.72
N ILE B 566 -28.02 -28.69 -62.44
CA ILE B 566 -26.88 -29.02 -61.60
C ILE B 566 -27.11 -30.31 -60.82
N ARG B 567 -28.31 -30.45 -60.23
CA ARG B 567 -28.61 -31.65 -59.43
C ARG B 567 -27.58 -31.86 -58.34
N ARG B 568 -27.29 -30.77 -57.64
CA ARG B 568 -26.31 -30.73 -56.58
C ARG B 568 -26.88 -31.40 -55.34
N LYS B 569 -26.12 -32.31 -54.76
CA LYS B 569 -26.59 -32.95 -53.55
C LYS B 569 -26.64 -31.94 -52.44
N ALA B 570 -27.72 -31.95 -51.69
CA ALA B 570 -27.82 -31.06 -50.57
C ALA B 570 -27.16 -31.68 -49.38
N ASN B 571 -26.04 -31.13 -49.01
CA ASN B 571 -25.24 -31.65 -47.93
C ASN B 571 -25.57 -31.02 -46.59
N ALA B 572 -26.55 -30.15 -46.56
CA ALA B 572 -26.84 -29.49 -45.31
C ALA B 572 -28.31 -29.15 -45.14
N SER B 573 -28.67 -28.91 -43.89
CA SER B 573 -29.99 -28.53 -43.47
C SER B 573 -29.91 -27.17 -42.82
N CYS B 574 -30.72 -26.23 -43.29
CA CYS B 574 -30.69 -24.87 -42.75
C CYS B 574 -30.89 -24.87 -41.25
N LYS B 575 -29.99 -24.22 -40.56
CA LYS B 575 -30.08 -24.18 -39.11
C LYS B 575 -31.40 -23.62 -38.57
N LYS B 576 -31.95 -22.59 -39.22
CA LYS B 576 -33.21 -21.99 -38.77
C LYS B 576 -34.45 -22.28 -39.61
N CYS B 577 -34.41 -23.17 -40.58
CA CYS B 577 -35.66 -23.44 -41.27
C CYS B 577 -35.73 -24.84 -41.80
N LYS B 578 -34.65 -25.57 -41.55
CA LYS B 578 -34.54 -26.97 -41.93
C LYS B 578 -34.84 -27.26 -43.40
N LYS B 579 -34.35 -26.40 -44.28
CA LYS B 579 -34.51 -26.55 -45.71
C LYS B 579 -33.35 -27.34 -46.25
N VAL B 580 -33.59 -28.04 -47.37
CA VAL B 580 -32.61 -28.85 -48.07
C VAL B 580 -31.70 -27.96 -48.93
N ILE B 581 -30.43 -27.87 -48.55
CA ILE B 581 -29.53 -26.92 -49.22
C ILE B 581 -28.11 -27.39 -49.63
N CYS B 582 -27.49 -26.65 -50.54
CA CYS B 582 -26.12 -26.91 -50.96
C CYS B 582 -25.31 -25.84 -50.26
N ARG B 583 -24.12 -26.16 -49.77
CA ARG B 583 -23.34 -25.17 -49.06
C ARG B 583 -22.98 -23.97 -49.93
N GLU B 584 -22.86 -24.15 -51.23
CA GLU B 584 -22.54 -23.00 -52.05
C GLU B 584 -23.61 -21.90 -51.95
N HIS B 585 -24.86 -22.30 -51.90
CA HIS B 585 -25.98 -21.35 -51.86
C HIS B 585 -26.35 -20.90 -50.48
N ASN B 586 -26.27 -21.87 -49.58
CA ASN B 586 -26.57 -21.66 -48.18
C ASN B 586 -25.46 -22.28 -47.38
N ILE B 587 -24.52 -21.47 -47.07
CA ILE B 587 -23.33 -21.93 -46.37
C ILE B 587 -23.57 -22.88 -45.18
N ASP B 588 -24.50 -22.56 -44.30
CA ASP B 588 -24.80 -23.39 -43.13
C ASP B 588 -26.21 -22.92 -42.80
N MET B 589 -26.31 -21.61 -42.73
CA MET B 589 -27.56 -20.93 -42.57
C MET B 589 -28.02 -20.74 -44.01
N CYS B 590 -29.33 -20.77 -44.25
CA CYS B 590 -29.84 -20.56 -45.61
C CYS B 590 -30.00 -19.08 -45.91
N GLN B 591 -30.17 -18.73 -47.18
CA GLN B 591 -30.30 -17.32 -47.55
C GLN B 591 -31.58 -16.68 -47.01
N SER B 592 -32.58 -17.51 -46.76
CA SER B 592 -33.85 -17.06 -46.22
C SER B 592 -33.84 -17.03 -44.68
N CYS B 593 -32.71 -17.46 -44.12
CA CYS B 593 -32.50 -17.51 -42.67
C CYS B 593 -31.27 -16.71 -42.25
N PHE B 594 -31.33 -15.99 -41.16
CA PHE B 594 -30.20 -15.19 -40.70
C PHE B 594 -30.56 -14.37 -39.47
#